data_2AFU
#
_entry.id   2AFU
#
_cell.length_a   119.137
_cell.length_b   119.137
_cell.length_c   332.612
_cell.angle_alpha   90.00
_cell.angle_beta   90.00
_cell.angle_gamma   120.00
#
_symmetry.space_group_name_H-M   'H 3 2'
#
loop_
_entity.id
_entity.type
_entity.pdbx_description
1 polymer 'Glutaminyl-peptide cyclotransferase'
2 non-polymer 'ZINC ION'
3 non-polymer 'TERT-BUTYL D-ALPHA-GLUTAMINATE'
4 water water
#
_entity_poly.entity_id   1
_entity_poly.type   'polypeptide(L)'
_entity_poly.pdbx_seq_one_letter_code
;ASAWPEEKNYHQPAILNSSALRQIAEGTSISEMWQNDLQPLLIERYPGSPGSYAARQHIMQRIQRLQADWVLEIDTFLSQ
TPYGYRSFSNIISTLNPTAKRHLVLACHYDSKYFSHWNNRVFVGATDSAVPCAMMLELARALDKKLLSLKTVSDSKPDLS
LQLIFFDGQEAFLHWSPQDSLYGSRHLAAKMASTPHPPGARGTSQLHGMDLLVLLDLIGAPNPTFPNFFPNSARWFERLQ
AIEHELHELGLLKDHSLEGRYFQNYSYGGVIQDDHIPFLRRGVPVLHLIPSPFPEVWHTMDDNEENLDESTIDNLNKILQ
VFVLEYLHL
;
_entity_poly.pdbx_strand_id   A,B
#
loop_
_chem_comp.id
_chem_comp.type
_chem_comp.name
_chem_comp.formula
BGT non-polymer 'TERT-BUTYL D-ALPHA-GLUTAMINATE' 'C9 H18 N2 O3'
ZN non-polymer 'ZINC ION' 'Zn 2'
#
# COMPACT_ATOMS: atom_id res chain seq x y z
N ALA A 1 -17.19 21.02 -0.25
CA ALA A 1 -16.55 19.79 -0.83
C ALA A 1 -16.92 19.62 -2.30
N SER A 2 -15.92 19.33 -3.13
CA SER A 2 -16.14 19.13 -4.56
C SER A 2 -16.91 17.83 -4.80
N ALA A 3 -17.83 17.90 -5.75
CA ALA A 3 -18.65 16.74 -6.10
C ALA A 3 -18.14 16.08 -7.38
N TRP A 4 -16.85 16.23 -7.66
CA TRP A 4 -16.31 15.65 -8.88
C TRP A 4 -16.53 14.13 -8.97
N PRO A 5 -16.51 13.41 -7.82
CA PRO A 5 -16.73 11.97 -7.89
C PRO A 5 -18.09 11.62 -8.48
N GLU A 6 -18.97 12.63 -8.56
CA GLU A 6 -20.31 12.42 -9.12
C GLU A 6 -20.38 12.65 -10.61
N GLU A 7 -19.32 13.23 -11.17
CA GLU A 7 -19.25 13.52 -12.60
C GLU A 7 -19.53 12.28 -13.45
N LYS A 8 -19.03 11.13 -13.03
CA LYS A 8 -19.24 9.90 -13.77
C LYS A 8 -20.71 9.60 -14.01
N ASN A 9 -21.57 9.99 -13.07
CA ASN A 9 -22.99 9.74 -13.20
C ASN A 9 -23.61 10.49 -14.37
N TYR A 10 -23.02 11.61 -14.77
CA TYR A 10 -23.59 12.42 -15.86
C TYR A 10 -22.80 12.39 -17.15
N HIS A 11 -21.63 11.76 -17.10
CA HIS A 11 -20.78 11.69 -18.26
C HIS A 11 -21.47 11.09 -19.46
N GLN A 12 -21.38 11.78 -20.59
CA GLN A 12 -21.98 11.33 -21.84
C GLN A 12 -20.85 11.06 -22.83
N PRO A 13 -21.07 10.14 -23.78
CA PRO A 13 -20.01 9.86 -24.74
C PRO A 13 -20.03 10.86 -25.90
N ALA A 14 -18.92 10.92 -26.63
CA ALA A 14 -18.79 11.77 -27.79
C ALA A 14 -18.79 10.75 -28.93
N ILE A 15 -19.97 10.52 -29.50
CA ILE A 15 -20.14 9.55 -30.57
C ILE A 15 -19.43 9.83 -31.89
N LEU A 16 -18.74 8.83 -32.41
CA LEU A 16 -18.02 8.95 -33.67
C LEU A 16 -18.96 8.80 -34.86
N ASN A 17 -18.74 9.58 -35.92
CA ASN A 17 -19.58 9.47 -37.10
C ASN A 17 -19.07 8.36 -38.01
N SER A 18 -19.87 8.01 -39.03
CA SER A 18 -19.51 6.96 -39.98
C SER A 18 -18.05 7.00 -40.44
N SER A 19 -17.60 8.18 -40.84
CA SER A 19 -16.23 8.34 -41.31
C SER A 19 -15.21 7.90 -40.25
N ALA A 20 -15.41 8.37 -39.02
CA ALA A 20 -14.51 8.04 -37.92
C ALA A 20 -14.53 6.55 -37.60
N LEU A 21 -15.69 5.91 -37.75
CA LEU A 21 -15.82 4.49 -37.47
C LEU A 21 -15.02 3.62 -38.45
N ARG A 22 -15.12 3.92 -39.74
CA ARG A 22 -14.37 3.14 -40.73
C ARG A 22 -12.90 3.27 -40.42
N GLN A 23 -12.51 4.45 -39.96
CA GLN A 23 -11.13 4.74 -39.64
C GLN A 23 -10.62 3.88 -38.48
N ILE A 24 -11.45 3.70 -37.47
CA ILE A 24 -11.07 2.89 -36.33
C ILE A 24 -11.00 1.43 -36.78
N ALA A 25 -11.99 1.00 -37.53
CA ALA A 25 -12.04 -0.36 -38.04
C ALA A 25 -10.77 -0.67 -38.85
N GLU A 26 -10.29 0.32 -39.57
CA GLU A 26 -9.08 0.17 -40.39
C GLU A 26 -7.80 0.32 -39.58
N GLY A 27 -7.91 0.98 -38.42
CA GLY A 27 -6.74 1.21 -37.59
C GLY A 27 -6.22 0.07 -36.76
N THR A 28 -7.02 -0.98 -36.56
CA THR A 28 -6.59 -2.11 -35.77
C THR A 28 -6.25 -3.28 -36.69
N SER A 29 -5.24 -4.04 -36.31
CA SER A 29 -4.81 -5.18 -37.11
C SER A 29 -4.85 -6.44 -36.27
N ILE A 30 -5.78 -7.33 -36.59
CA ILE A 30 -5.89 -8.58 -35.83
C ILE A 30 -4.65 -9.44 -35.96
N SER A 31 -4.06 -9.51 -37.16
CA SER A 31 -2.87 -10.34 -37.35
C SER A 31 -1.67 -9.74 -36.62
N GLU A 32 -1.60 -8.41 -36.56
CA GLU A 32 -0.51 -7.75 -35.85
C GLU A 32 -0.62 -8.06 -34.36
N MET A 33 -1.84 -7.97 -33.83
CA MET A 33 -2.06 -8.26 -32.42
C MET A 33 -1.67 -9.70 -32.12
N TRP A 34 -2.16 -10.59 -32.97
CA TRP A 34 -1.91 -12.03 -32.85
C TRP A 34 -0.44 -12.40 -32.72
N GLN A 35 0.39 -11.85 -33.59
CA GLN A 35 1.80 -12.15 -33.58
C GLN A 35 2.59 -11.40 -32.52
N ASN A 36 2.34 -10.10 -32.39
CA ASN A 36 3.09 -9.28 -31.46
C ASN A 36 2.60 -9.13 -30.03
N ASP A 37 1.32 -9.37 -29.79
CA ASP A 37 0.78 -9.21 -28.45
C ASP A 37 0.26 -10.47 -27.78
N LEU A 38 -0.40 -11.33 -28.57
CA LEU A 38 -0.98 -12.55 -28.04
C LEU A 38 -0.04 -13.75 -27.91
N GLN A 39 0.58 -14.18 -29.00
CA GLN A 39 1.44 -15.35 -28.96
C GLN A 39 2.49 -15.36 -27.86
N PRO A 40 3.19 -14.23 -27.62
CA PRO A 40 4.19 -14.28 -26.55
C PRO A 40 3.53 -14.58 -25.20
N LEU A 41 2.20 -14.40 -25.13
CA LEU A 41 1.46 -14.64 -23.89
C LEU A 41 0.88 -16.04 -23.75
N LEU A 42 0.94 -16.84 -24.82
CA LEU A 42 0.41 -18.19 -24.79
C LEU A 42 1.42 -19.15 -24.20
N ILE A 43 1.73 -18.92 -22.93
CA ILE A 43 2.69 -19.72 -22.20
C ILE A 43 2.16 -19.97 -20.80
N GLU A 44 2.68 -21.01 -20.15
CA GLU A 44 2.28 -21.32 -18.79
C GLU A 44 2.72 -20.11 -17.98
N ARG A 45 1.81 -19.49 -17.24
CA ARG A 45 2.18 -18.29 -16.48
C ARG A 45 1.47 -18.14 -15.14
N TYR A 46 1.39 -19.22 -14.35
CA TYR A 46 0.76 -19.11 -13.05
C TYR A 46 1.66 -18.26 -12.16
N PRO A 47 1.11 -17.67 -11.10
CA PRO A 47 1.87 -16.81 -10.19
C PRO A 47 3.18 -17.39 -9.68
N GLY A 48 4.24 -16.58 -9.75
CA GLY A 48 5.54 -17.00 -9.28
C GLY A 48 6.36 -17.79 -10.28
N SER A 49 5.75 -18.23 -11.36
CA SER A 49 6.48 -19.03 -12.34
C SER A 49 7.34 -18.17 -13.28
N PRO A 50 8.23 -18.81 -14.05
CA PRO A 50 9.08 -18.06 -14.97
C PRO A 50 8.19 -17.38 -16.01
N GLY A 51 7.10 -18.04 -16.37
CA GLY A 51 6.18 -17.50 -17.34
C GLY A 51 5.53 -16.21 -16.86
N SER A 52 5.16 -16.17 -15.58
CA SER A 52 4.53 -14.99 -15.00
C SER A 52 5.48 -13.80 -15.22
N TYR A 53 6.76 -14.03 -14.96
CA TYR A 53 7.75 -12.99 -15.13
C TYR A 53 7.87 -12.58 -16.61
N ALA A 54 7.89 -13.57 -17.49
CA ALA A 54 8.01 -13.31 -18.92
C ALA A 54 6.80 -12.56 -19.46
N ALA A 55 5.63 -12.93 -18.98
CA ALA A 55 4.38 -12.29 -19.40
C ALA A 55 4.39 -10.83 -19.00
N ARG A 56 4.77 -10.60 -17.75
CA ARG A 56 4.83 -9.27 -17.16
C ARG A 56 5.82 -8.36 -17.93
N GLN A 57 6.94 -8.92 -18.38
CA GLN A 57 7.93 -8.15 -19.12
C GLN A 57 7.43 -7.85 -20.52
N HIS A 58 6.71 -8.79 -21.09
CA HIS A 58 6.15 -8.62 -22.42
C HIS A 58 5.15 -7.46 -22.39
N ILE A 59 4.22 -7.51 -21.45
CA ILE A 59 3.20 -6.48 -21.30
C ILE A 59 3.84 -5.11 -21.08
N MET A 60 4.87 -5.04 -20.27
CA MET A 60 5.54 -3.77 -20.01
C MET A 60 6.28 -3.30 -21.26
N GLN A 61 7.03 -4.19 -21.87
CA GLN A 61 7.77 -3.85 -23.08
C GLN A 61 6.85 -3.30 -24.15
N ARG A 62 5.73 -3.99 -24.38
CA ARG A 62 4.78 -3.58 -25.41
C ARG A 62 4.15 -2.22 -25.15
N ILE A 63 4.01 -1.84 -23.88
CA ILE A 63 3.44 -0.54 -23.56
C ILE A 63 4.50 0.57 -23.68
N GLN A 64 5.72 0.29 -23.23
CA GLN A 64 6.80 1.26 -23.26
C GLN A 64 7.21 1.71 -24.66
N ARG A 65 7.02 0.87 -25.66
CA ARG A 65 7.39 1.24 -27.02
C ARG A 65 6.43 2.24 -27.64
N LEU A 66 5.26 2.41 -27.03
CA LEU A 66 4.27 3.33 -27.54
C LEU A 66 4.60 4.79 -27.25
N GLN A 67 4.07 5.69 -28.07
CA GLN A 67 4.33 7.11 -27.90
C GLN A 67 3.61 7.70 -26.69
N ALA A 68 2.37 7.28 -26.45
CA ALA A 68 1.60 7.81 -25.31
C ALA A 68 2.42 7.75 -24.03
N ASP A 69 2.24 8.76 -23.19
CA ASP A 69 2.98 8.88 -21.94
C ASP A 69 2.46 7.96 -20.85
N TRP A 70 2.64 6.65 -21.05
CA TRP A 70 2.19 5.66 -20.08
C TRP A 70 3.10 5.54 -18.87
N VAL A 71 2.51 5.48 -17.68
CA VAL A 71 3.28 5.33 -16.46
C VAL A 71 2.99 3.93 -15.96
N LEU A 72 4.03 3.08 -15.96
CA LEU A 72 3.90 1.70 -15.51
C LEU A 72 4.29 1.51 -14.06
N GLU A 73 3.46 0.75 -13.33
CA GLU A 73 3.72 0.44 -11.92
C GLU A 73 3.53 -1.06 -11.70
N ILE A 74 4.46 -1.67 -10.98
CA ILE A 74 4.35 -3.09 -10.67
C ILE A 74 3.94 -3.14 -9.21
N ASP A 75 2.70 -3.57 -8.96
CA ASP A 75 2.18 -3.65 -7.61
C ASP A 75 2.44 -5.06 -7.07
N THR A 76 3.53 -5.20 -6.34
CA THR A 76 3.93 -6.48 -5.78
C THR A 76 3.57 -6.61 -4.31
N PHE A 77 3.04 -7.77 -3.93
CA PHE A 77 2.64 -8.02 -2.55
C PHE A 77 2.69 -9.50 -2.22
N LEU A 78 2.58 -9.79 -0.93
CA LEU A 78 2.56 -11.15 -0.43
C LEU A 78 1.15 -11.48 0.04
N SER A 79 0.79 -12.75 -0.06
CA SER A 79 -0.51 -13.19 0.38
C SER A 79 -0.43 -14.65 0.76
N GLN A 80 -1.29 -15.08 1.68
CA GLN A 80 -1.37 -16.47 2.12
C GLN A 80 -2.13 -17.24 1.04
N THR A 81 -1.70 -18.46 0.79
CA THR A 81 -2.34 -19.30 -0.21
C THR A 81 -2.38 -20.73 0.33
N PRO A 82 -3.07 -21.63 -0.38
CA PRO A 82 -3.14 -23.03 0.08
C PRO A 82 -1.76 -23.66 0.13
N TYR A 83 -0.80 -23.03 -0.53
CA TYR A 83 0.58 -23.53 -0.56
C TYR A 83 1.51 -22.61 0.22
N GLY A 84 0.95 -21.81 1.12
CA GLY A 84 1.76 -20.90 1.92
C GLY A 84 1.94 -19.55 1.29
N TYR A 85 2.72 -18.69 1.96
CA TYR A 85 2.97 -17.34 1.47
C TYR A 85 3.59 -17.32 0.08
N ARG A 86 3.06 -16.45 -0.78
CA ARG A 86 3.57 -16.30 -2.14
C ARG A 86 3.54 -14.83 -2.53
N SER A 87 4.29 -14.50 -3.57
CA SER A 87 4.37 -13.13 -4.06
C SER A 87 3.56 -12.95 -5.33
N PHE A 88 2.89 -11.82 -5.45
CA PHE A 88 2.08 -11.54 -6.62
C PHE A 88 2.46 -10.17 -7.15
N SER A 89 2.22 -9.93 -8.44
CA SER A 89 2.54 -8.65 -9.04
C SER A 89 1.49 -8.16 -10.05
N ASN A 90 0.71 -7.16 -9.65
CA ASN A 90 -0.28 -6.59 -10.55
C ASN A 90 0.47 -5.61 -11.43
N ILE A 91 -0.01 -5.43 -12.66
CA ILE A 91 0.61 -4.47 -13.57
C ILE A 91 -0.40 -3.36 -13.83
N ILE A 92 -0.02 -2.12 -13.55
CA ILE A 92 -0.92 -1.00 -13.79
C ILE A 92 -0.28 -0.03 -14.76
N SER A 93 -1.00 0.33 -15.81
CA SER A 93 -0.51 1.28 -16.81
C SER A 93 -1.48 2.46 -16.81
N THR A 94 -0.96 3.64 -16.44
CA THR A 94 -1.79 4.83 -16.35
C THR A 94 -1.36 6.05 -17.16
N LEU A 95 -2.31 6.65 -17.87
CA LEU A 95 -2.05 7.88 -18.61
C LEU A 95 -2.60 8.99 -17.70
N ASN A 96 -1.83 10.04 -17.47
CA ASN A 96 -2.25 11.15 -16.61
C ASN A 96 -2.55 10.70 -15.18
N PRO A 97 -1.53 10.18 -14.46
CA PRO A 97 -1.65 9.69 -13.09
C PRO A 97 -2.45 10.59 -12.14
N THR A 98 -2.34 11.89 -12.33
CA THR A 98 -3.06 12.81 -11.45
C THR A 98 -4.42 13.21 -12.00
N ALA A 99 -4.80 12.62 -13.14
CA ALA A 99 -6.09 12.91 -13.74
C ALA A 99 -7.17 12.34 -12.83
N LYS A 100 -7.82 13.22 -12.08
CA LYS A 100 -8.86 12.83 -11.12
C LYS A 100 -9.67 11.61 -11.49
N ARG A 101 -10.15 11.56 -12.73
CA ARG A 101 -10.96 10.44 -13.19
C ARG A 101 -10.26 9.62 -14.26
N HIS A 102 -10.52 8.32 -14.24
CA HIS A 102 -9.95 7.43 -15.22
C HIS A 102 -10.93 6.35 -15.64
N LEU A 103 -10.95 6.06 -16.93
CA LEU A 103 -11.76 4.97 -17.45
C LEU A 103 -10.75 3.83 -17.28
N VAL A 104 -11.18 2.70 -16.72
CA VAL A 104 -10.26 1.60 -16.49
C VAL A 104 -10.64 0.31 -17.23
N LEU A 105 -9.69 -0.25 -17.97
CA LEU A 105 -9.91 -1.51 -18.68
C LEU A 105 -9.03 -2.52 -17.95
N ALA A 106 -9.51 -3.73 -17.76
CA ALA A 106 -8.73 -4.72 -17.04
C ALA A 106 -8.99 -6.18 -17.42
N CYS A 107 -8.10 -7.03 -16.95
CA CYS A 107 -8.18 -8.48 -17.14
C CYS A 107 -7.12 -9.05 -16.24
N HIS A 108 -6.98 -10.38 -16.20
CA HIS A 108 -5.95 -11.00 -15.38
C HIS A 108 -4.94 -11.62 -16.35
N TYR A 109 -3.65 -11.49 -16.04
CA TYR A 109 -2.64 -12.06 -16.95
C TYR A 109 -2.06 -13.39 -16.48
N ASP A 110 -2.37 -13.80 -15.26
CA ASP A 110 -1.87 -15.08 -14.78
C ASP A 110 -2.68 -16.17 -15.47
N SER A 111 -2.17 -17.40 -15.42
CA SER A 111 -2.86 -18.54 -16.02
C SER A 111 -3.05 -19.55 -14.89
N LYS A 112 -4.21 -20.21 -14.85
CA LYS A 112 -4.50 -21.18 -13.80
C LYS A 112 -3.47 -22.32 -13.74
N TYR A 113 -3.02 -22.64 -12.54
CA TYR A 113 -2.06 -23.72 -12.37
C TYR A 113 -2.63 -25.12 -12.60
N PHE A 114 -1.89 -25.91 -13.37
CA PHE A 114 -2.25 -27.29 -13.66
C PHE A 114 -0.95 -28.07 -13.84
N SER A 115 -0.84 -29.23 -13.20
CA SER A 115 0.38 -30.02 -13.39
C SER A 115 0.27 -30.60 -14.81
N HIS A 116 1.39 -30.69 -15.51
CA HIS A 116 1.37 -31.20 -16.88
C HIS A 116 0.62 -32.53 -17.02
N TRP A 117 -0.22 -32.59 -18.04
CA TRP A 117 -1.03 -33.76 -18.31
C TRP A 117 -0.87 -34.22 -19.77
N ASN A 118 -0.27 -35.39 -19.95
CA ASN A 118 -0.06 -35.93 -21.29
C ASN A 118 0.72 -34.95 -22.15
N ASN A 119 1.75 -34.34 -21.55
CA ASN A 119 2.59 -33.37 -22.24
C ASN A 119 1.85 -32.13 -22.71
N ARG A 120 0.73 -31.82 -22.08
CA ARG A 120 -0.02 -30.63 -22.45
C ARG A 120 0.03 -29.63 -21.31
N VAL A 121 0.18 -28.36 -21.66
CA VAL A 121 0.27 -27.28 -20.68
C VAL A 121 -0.94 -26.36 -20.84
N PHE A 122 -1.47 -25.86 -19.73
CA PHE A 122 -2.62 -24.96 -19.81
C PHE A 122 -2.16 -23.52 -20.01
N VAL A 123 -2.62 -22.90 -21.10
CA VAL A 123 -2.22 -21.52 -21.38
C VAL A 123 -3.34 -20.50 -21.33
N GLY A 124 -4.55 -20.94 -20.96
CA GLY A 124 -5.70 -20.04 -20.89
C GLY A 124 -5.76 -19.02 -22.01
N ALA A 125 -5.97 -19.51 -23.23
CA ALA A 125 -6.04 -18.65 -24.39
C ALA A 125 -7.09 -17.54 -24.22
N THR A 126 -8.32 -17.93 -23.92
CA THR A 126 -9.40 -16.96 -23.72
C THR A 126 -9.40 -16.52 -22.26
N ASP A 127 -8.65 -17.24 -21.43
CA ASP A 127 -8.65 -16.97 -20.01
C ASP A 127 -7.27 -16.76 -19.35
N SER A 128 -6.66 -15.58 -19.56
CA SER A 128 -7.21 -14.51 -20.39
C SER A 128 -6.13 -13.88 -21.27
N ALA A 129 -5.39 -14.73 -21.99
CA ALA A 129 -4.34 -14.24 -22.88
C ALA A 129 -4.92 -13.27 -23.93
N VAL A 130 -6.05 -13.63 -24.51
CA VAL A 130 -6.71 -12.79 -25.51
C VAL A 130 -7.08 -11.42 -24.92
N PRO A 131 -7.79 -11.39 -23.78
CA PRO A 131 -8.11 -10.08 -23.21
C PRO A 131 -6.85 -9.22 -23.05
N CYS A 132 -5.75 -9.82 -22.60
CA CYS A 132 -4.50 -9.10 -22.42
C CYS A 132 -4.08 -8.48 -23.75
N ALA A 133 -4.02 -9.30 -24.79
CA ALA A 133 -3.62 -8.86 -26.12
C ALA A 133 -4.53 -7.76 -26.64
N MET A 134 -5.83 -7.89 -26.38
CA MET A 134 -6.81 -6.90 -26.83
C MET A 134 -6.53 -5.53 -26.20
N MET A 135 -6.14 -5.53 -24.93
CA MET A 135 -5.83 -4.29 -24.26
C MET A 135 -4.56 -3.68 -24.86
N LEU A 136 -3.59 -4.54 -25.16
CA LEU A 136 -2.34 -4.08 -25.76
C LEU A 136 -2.57 -3.54 -27.18
N GLU A 137 -3.39 -4.25 -27.96
CA GLU A 137 -3.70 -3.82 -29.32
C GLU A 137 -4.44 -2.49 -29.29
N LEU A 138 -5.31 -2.32 -28.29
CA LEU A 138 -6.06 -1.08 -28.17
C LEU A 138 -5.08 0.07 -27.88
N ALA A 139 -4.12 -0.18 -26.99
CA ALA A 139 -3.14 0.83 -26.66
C ALA A 139 -2.35 1.21 -27.91
N ARG A 140 -2.00 0.21 -28.72
CA ARG A 140 -1.24 0.45 -29.94
C ARG A 140 -2.08 1.17 -30.99
N ALA A 141 -3.28 0.66 -31.25
CA ALA A 141 -4.17 1.24 -32.26
C ALA A 141 -4.64 2.66 -32.02
N LEU A 142 -4.79 3.04 -30.75
CA LEU A 142 -5.25 4.38 -30.43
C LEU A 142 -4.12 5.25 -29.90
N ASP A 143 -2.89 4.73 -30.00
CA ASP A 143 -1.74 5.43 -29.50
C ASP A 143 -1.67 6.92 -29.87
N LYS A 144 -1.91 7.23 -31.14
CA LYS A 144 -1.85 8.63 -31.57
C LYS A 144 -2.92 9.46 -30.87
N LYS A 145 -4.14 8.97 -30.83
CA LYS A 145 -5.22 9.70 -30.17
C LYS A 145 -5.02 9.82 -28.66
N LEU A 146 -4.46 8.79 -28.04
CA LEU A 146 -4.24 8.80 -26.61
C LEU A 146 -3.12 9.77 -26.24
N LEU A 147 -2.23 10.03 -27.20
CA LEU A 147 -1.11 10.93 -27.01
C LEU A 147 -1.55 12.38 -26.75
N SER A 148 -2.73 12.74 -27.25
CA SER A 148 -3.24 14.09 -27.08
C SER A 148 -3.75 14.36 -25.67
N LEU A 149 -3.69 13.36 -24.80
CA LEU A 149 -4.14 13.52 -23.42
C LEU A 149 -3.06 14.13 -22.51
N ASP A 158 -11.23 16.28 -16.83
CA ASP A 158 -10.07 15.69 -16.13
C ASP A 158 -10.28 14.18 -16.06
N LEU A 159 -10.34 13.59 -17.25
CA LEU A 159 -10.58 12.17 -17.43
C LEU A 159 -9.53 11.57 -18.37
N SER A 160 -8.93 10.45 -17.97
CA SER A 160 -7.94 9.78 -18.79
C SER A 160 -8.11 8.26 -18.74
N LEU A 161 -7.13 7.53 -19.25
CA LEU A 161 -7.21 6.08 -19.32
C LEU A 161 -6.21 5.31 -18.47
N GLN A 162 -6.63 4.16 -17.97
CA GLN A 162 -5.79 3.29 -17.15
C GLN A 162 -6.05 1.82 -17.47
N LEU A 163 -4.99 1.03 -17.48
CA LEU A 163 -5.08 -0.39 -17.76
C LEU A 163 -4.58 -1.16 -16.56
N ILE A 164 -5.29 -2.23 -16.20
CA ILE A 164 -4.86 -3.06 -15.09
C ILE A 164 -4.82 -4.52 -15.51
N PHE A 165 -3.68 -5.14 -15.28
CA PHE A 165 -3.50 -6.55 -15.60
C PHE A 165 -3.34 -7.22 -14.23
N PHE A 166 -4.39 -7.87 -13.76
CA PHE A 166 -4.35 -8.52 -12.43
C PHE A 166 -3.55 -9.82 -12.40
N ASP A 167 -2.83 -10.02 -11.30
CA ASP A 167 -2.10 -11.26 -11.13
C ASP A 167 -2.93 -12.07 -10.16
N GLY A 168 -2.69 -13.37 -10.10
CA GLY A 168 -3.41 -14.24 -9.18
C GLY A 168 -4.92 -14.24 -9.21
N GLN A 169 -5.53 -14.13 -10.39
CA GLN A 169 -6.98 -14.17 -10.40
C GLN A 169 -7.44 -15.60 -10.05
N GLU A 170 -6.79 -16.58 -10.67
CA GLU A 170 -7.14 -17.98 -10.50
C GLU A 170 -6.85 -18.56 -9.12
N ALA A 171 -7.62 -19.57 -8.75
CA ALA A 171 -7.42 -20.23 -7.48
C ALA A 171 -6.33 -21.27 -7.74
N PHE A 172 -5.49 -21.53 -6.74
CA PHE A 172 -4.43 -22.52 -6.90
C PHE A 172 -5.06 -23.91 -6.88
N LEU A 173 -6.13 -24.07 -6.10
CA LEU A 173 -6.84 -25.34 -6.03
C LEU A 173 -8.14 -25.14 -6.81
N HIS A 174 -9.26 -25.10 -6.11
CA HIS A 174 -10.56 -24.87 -6.73
C HIS A 174 -11.07 -23.58 -6.08
N TRP A 175 -11.86 -22.80 -6.83
CA TRP A 175 -12.35 -21.53 -6.30
C TRP A 175 -12.72 -21.57 -4.83
N SER A 176 -12.33 -20.52 -4.12
CA SER A 176 -12.60 -20.38 -2.70
C SER A 176 -12.43 -18.91 -2.37
N PRO A 177 -13.27 -18.38 -1.48
CA PRO A 177 -13.18 -16.96 -1.10
C PRO A 177 -11.75 -16.54 -0.78
N GLN A 178 -10.99 -17.40 -0.11
CA GLN A 178 -9.61 -17.08 0.26
C GLN A 178 -8.63 -17.46 -0.85
N ASP A 179 -9.02 -18.41 -1.70
CA ASP A 179 -8.16 -18.85 -2.78
C ASP A 179 -8.65 -18.39 -4.15
N SER A 180 -8.28 -17.17 -4.53
CA SER A 180 -8.65 -16.57 -5.82
C SER A 180 -8.69 -15.06 -5.69
N LEU A 181 -8.70 -14.36 -6.82
CA LEU A 181 -8.76 -12.90 -6.82
C LEU A 181 -7.73 -12.26 -5.91
N TYR A 182 -6.53 -12.84 -5.87
CA TYR A 182 -5.47 -12.31 -5.02
C TYR A 182 -5.10 -10.89 -5.41
N GLY A 183 -4.79 -10.71 -6.70
CA GLY A 183 -4.40 -9.41 -7.20
C GLY A 183 -5.44 -8.31 -7.07
N SER A 184 -6.67 -8.58 -7.48
CA SER A 184 -7.73 -7.59 -7.41
C SER A 184 -8.17 -7.28 -5.97
N ARG A 185 -8.23 -8.29 -5.12
CA ARG A 185 -8.62 -8.04 -3.73
C ARG A 185 -7.58 -7.12 -3.11
N HIS A 186 -6.31 -7.34 -3.44
CA HIS A 186 -5.26 -6.52 -2.89
C HIS A 186 -5.23 -5.10 -3.48
N LEU A 187 -5.36 -4.98 -4.79
CA LEU A 187 -5.32 -3.67 -5.42
C LEU A 187 -6.54 -2.81 -5.08
N ALA A 188 -7.70 -3.43 -4.94
CA ALA A 188 -8.92 -2.70 -4.61
C ALA A 188 -8.76 -2.07 -3.22
N ALA A 189 -8.35 -2.90 -2.26
CA ALA A 189 -8.16 -2.43 -0.90
C ALA A 189 -7.13 -1.30 -0.88
N LYS A 190 -6.08 -1.46 -1.67
CA LYS A 190 -5.01 -0.46 -1.75
C LYS A 190 -5.51 0.86 -2.33
N MET A 191 -6.20 0.80 -3.47
CA MET A 191 -6.74 2.00 -4.10
C MET A 191 -7.80 2.66 -3.21
N ALA A 192 -8.56 1.85 -2.48
CA ALA A 192 -9.61 2.37 -1.60
C ALA A 192 -9.01 3.19 -0.46
N SER A 193 -7.76 2.92 -0.11
CA SER A 193 -7.12 3.65 0.98
C SER A 193 -5.99 4.55 0.51
N THR A 194 -5.98 4.89 -0.78
CA THR A 194 -4.96 5.78 -1.32
C THR A 194 -5.65 7.06 -1.74
N PRO A 195 -5.32 8.18 -1.07
CA PRO A 195 -5.94 9.47 -1.41
C PRO A 195 -5.73 9.85 -2.87
N HIS A 196 -6.78 10.37 -3.50
CA HIS A 196 -6.72 10.77 -4.89
C HIS A 196 -7.73 11.88 -5.15
N PRO A 197 -7.31 12.93 -5.87
CA PRO A 197 -5.96 13.09 -6.42
C PRO A 197 -4.97 13.39 -5.29
N PRO A 198 -3.66 13.38 -5.58
CA PRO A 198 -2.66 13.66 -4.54
C PRO A 198 -3.02 14.85 -3.66
N GLY A 199 -2.95 14.65 -2.34
CA GLY A 199 -3.26 15.72 -1.41
C GLY A 199 -4.72 15.79 -1.00
N ALA A 200 -5.56 15.00 -1.65
CA ALA A 200 -6.99 15.00 -1.34
C ALA A 200 -7.21 14.59 0.11
N ARG A 201 -8.24 15.17 0.73
CA ARG A 201 -8.57 14.89 2.11
C ARG A 201 -9.50 13.70 2.32
N GLY A 202 -10.53 13.58 1.50
CA GLY A 202 -11.47 12.48 1.69
C GLY A 202 -11.92 11.66 0.49
N THR A 203 -11.15 11.68 -0.60
CA THR A 203 -11.50 10.90 -1.78
C THR A 203 -10.37 9.94 -2.14
N SER A 204 -10.73 8.72 -2.57
CA SER A 204 -9.73 7.72 -2.91
C SER A 204 -9.59 7.52 -4.41
N GLN A 205 -8.66 6.65 -4.79
CA GLN A 205 -8.44 6.33 -6.19
C GLN A 205 -9.68 5.61 -6.70
N LEU A 206 -10.41 4.95 -5.80
CA LEU A 206 -11.63 4.27 -6.21
C LEU A 206 -12.68 5.31 -6.59
N HIS A 207 -12.70 6.43 -5.89
CA HIS A 207 -13.64 7.50 -6.22
C HIS A 207 -13.30 7.92 -7.65
N GLY A 208 -12.03 7.77 -8.00
CA GLY A 208 -11.56 8.15 -9.33
C GLY A 208 -11.92 7.18 -10.44
N MET A 209 -12.27 5.95 -10.09
CA MET A 209 -12.64 4.95 -11.09
C MET A 209 -14.02 5.21 -11.67
N ASP A 210 -14.05 5.88 -12.81
CA ASP A 210 -15.30 6.19 -13.49
C ASP A 210 -16.10 4.91 -13.76
N LEU A 211 -15.42 3.94 -14.34
CA LEU A 211 -16.02 2.69 -14.71
C LEU A 211 -14.93 1.67 -14.91
N LEU A 212 -15.17 0.45 -14.42
CA LEU A 212 -14.21 -0.63 -14.58
C LEU A 212 -14.72 -1.58 -15.65
N VAL A 213 -14.04 -1.62 -16.79
CA VAL A 213 -14.42 -2.49 -17.89
C VAL A 213 -13.50 -3.71 -17.79
N LEU A 214 -14.06 -4.83 -17.31
CA LEU A 214 -13.30 -6.05 -17.12
C LEU A 214 -13.56 -7.09 -18.21
N LEU A 215 -12.50 -7.46 -18.93
CA LEU A 215 -12.60 -8.45 -19.99
C LEU A 215 -12.15 -9.80 -19.44
N ASP A 216 -12.91 -10.85 -19.73
CA ASP A 216 -12.54 -12.19 -19.26
C ASP A 216 -13.19 -13.25 -20.15
N LEU A 217 -12.50 -14.36 -20.36
CA LEU A 217 -13.01 -15.47 -21.17
C LEU A 217 -13.48 -15.03 -22.55
N ILE A 218 -12.64 -14.28 -23.24
CA ILE A 218 -12.97 -13.80 -24.57
C ILE A 218 -12.06 -14.47 -25.61
N GLY A 219 -12.63 -14.78 -26.77
CA GLY A 219 -11.84 -15.43 -27.81
C GLY A 219 -12.51 -16.66 -28.39
N ALA A 220 -13.58 -17.13 -27.75
CA ALA A 220 -14.29 -18.30 -28.25
C ALA A 220 -15.36 -17.84 -29.24
N PRO A 221 -15.94 -18.77 -30.01
CA PRO A 221 -16.97 -18.40 -30.98
C PRO A 221 -18.30 -18.00 -30.34
N ASN A 222 -19.08 -17.21 -31.07
CA ASN A 222 -20.39 -16.75 -30.66
C ASN A 222 -20.57 -16.35 -29.21
N PRO A 223 -19.76 -15.39 -28.72
CA PRO A 223 -19.96 -15.02 -27.33
C PRO A 223 -21.25 -14.21 -27.16
N THR A 224 -21.89 -14.35 -26.00
CA THR A 224 -23.11 -13.60 -25.71
C THR A 224 -22.86 -12.98 -24.35
N PHE A 225 -22.70 -11.66 -24.35
CA PHE A 225 -22.44 -10.88 -23.14
C PHE A 225 -23.72 -10.31 -22.57
N PRO A 226 -24.06 -10.66 -21.33
CA PRO A 226 -25.27 -10.12 -20.72
C PRO A 226 -24.96 -8.83 -19.95
N ASN A 227 -26.00 -8.04 -19.71
CA ASN A 227 -25.87 -6.80 -18.95
C ASN A 227 -25.99 -7.24 -17.50
N PHE A 228 -25.01 -6.91 -16.67
CA PHE A 228 -25.06 -7.34 -15.28
C PHE A 228 -25.54 -6.32 -14.27
N PHE A 229 -25.21 -5.05 -14.48
CA PHE A 229 -25.57 -4.06 -13.50
C PHE A 229 -26.35 -2.88 -14.01
N PRO A 230 -27.34 -2.43 -13.21
CA PRO A 230 -28.18 -1.30 -13.58
C PRO A 230 -27.41 0.02 -13.59
N ASN A 231 -26.37 0.13 -12.78
CA ASN A 231 -25.62 1.40 -12.77
C ASN A 231 -24.60 1.55 -13.91
N SER A 232 -24.57 0.59 -14.84
CA SER A 232 -23.67 0.67 -15.98
C SER A 232 -24.38 0.18 -17.24
N ALA A 233 -25.68 -0.05 -17.09
CA ALA A 233 -26.50 -0.52 -18.20
C ALA A 233 -26.50 0.44 -19.38
N ARG A 234 -26.52 1.75 -19.12
CA ARG A 234 -26.50 2.72 -20.21
C ARG A 234 -25.22 2.56 -21.02
N TRP A 235 -24.15 2.08 -20.38
CA TRP A 235 -22.91 1.86 -21.07
C TRP A 235 -22.95 0.55 -21.85
N PHE A 236 -23.72 -0.42 -21.34
CA PHE A 236 -23.85 -1.69 -22.03
C PHE A 236 -24.59 -1.38 -23.32
N GLU A 237 -25.55 -0.46 -23.24
CA GLU A 237 -26.32 -0.09 -24.42
C GLU A 237 -25.46 0.59 -25.46
N ARG A 238 -24.44 1.32 -25.01
CA ARG A 238 -23.54 1.98 -25.94
C ARG A 238 -22.81 0.92 -26.73
N LEU A 239 -22.37 -0.15 -26.06
CA LEU A 239 -21.68 -1.23 -26.75
C LEU A 239 -22.62 -1.83 -27.79
N GLN A 240 -23.91 -1.95 -27.46
CA GLN A 240 -24.88 -2.50 -28.40
C GLN A 240 -24.97 -1.59 -29.60
N ALA A 241 -25.12 -0.29 -29.33
CA ALA A 241 -25.23 0.71 -30.38
C ALA A 241 -24.00 0.68 -31.29
N ILE A 242 -22.82 0.57 -30.69
CA ILE A 242 -21.59 0.54 -31.45
C ILE A 242 -21.52 -0.70 -32.33
N GLU A 243 -21.85 -1.85 -31.75
CA GLU A 243 -21.81 -3.09 -32.50
C GLU A 243 -22.80 -3.01 -33.67
N HIS A 244 -23.97 -2.44 -33.42
CA HIS A 244 -24.99 -2.31 -34.44
C HIS A 244 -24.52 -1.42 -35.60
N GLU A 245 -23.95 -0.27 -35.27
CA GLU A 245 -23.49 0.65 -36.30
C GLU A 245 -22.30 0.11 -37.07
N LEU A 246 -21.34 -0.49 -36.36
CA LEU A 246 -20.17 -1.06 -37.03
C LEU A 246 -20.62 -2.17 -37.97
N HIS A 247 -21.71 -2.85 -37.59
CA HIS A 247 -22.25 -3.93 -38.39
C HIS A 247 -22.95 -3.40 -39.64
N GLU A 248 -23.86 -2.44 -39.47
CA GLU A 248 -24.57 -1.83 -40.59
C GLU A 248 -23.63 -1.21 -41.63
N LEU A 249 -22.50 -0.68 -41.18
CA LEU A 249 -21.53 -0.07 -42.07
C LEU A 249 -20.66 -1.16 -42.71
N GLY A 250 -20.98 -2.41 -42.39
CA GLY A 250 -20.23 -3.53 -42.93
C GLY A 250 -18.77 -3.55 -42.51
N LEU A 251 -18.51 -3.18 -41.26
CA LEU A 251 -17.14 -3.13 -40.74
C LEU A 251 -16.79 -4.33 -39.86
N LEU A 252 -17.70 -5.29 -39.74
CA LEU A 252 -17.44 -6.48 -38.94
C LEU A 252 -17.33 -7.71 -39.84
N LYS A 253 -16.57 -8.70 -39.42
CA LYS A 253 -16.37 -9.91 -40.21
C LYS A 253 -17.28 -11.06 -39.74
N ASP A 254 -17.92 -11.74 -40.69
CA ASP A 254 -18.82 -12.85 -40.39
C ASP A 254 -19.62 -12.56 -39.14
N HIS A 255 -20.38 -11.47 -39.16
CA HIS A 255 -21.17 -11.04 -38.02
C HIS A 255 -22.62 -10.82 -38.42
N SER A 256 -23.54 -11.32 -37.61
CA SER A 256 -24.97 -11.15 -37.89
C SER A 256 -25.63 -10.59 -36.64
N LEU A 257 -26.68 -9.79 -36.83
CA LEU A 257 -27.39 -9.19 -35.71
C LEU A 257 -28.07 -10.27 -34.87
N GLU A 258 -28.62 -11.28 -35.53
CA GLU A 258 -29.27 -12.36 -34.79
C GLU A 258 -28.28 -13.01 -33.83
N GLY A 259 -27.03 -13.14 -34.26
CA GLY A 259 -26.02 -13.72 -33.41
C GLY A 259 -25.05 -12.66 -32.90
N ARG A 260 -25.58 -11.53 -32.47
CA ARG A 260 -24.73 -10.46 -31.97
C ARG A 260 -24.20 -10.78 -30.57
N TYR A 261 -23.11 -10.14 -30.19
CA TYR A 261 -22.46 -10.37 -28.91
C TYR A 261 -23.17 -9.75 -27.71
N PHE A 262 -23.66 -8.53 -27.87
CA PHE A 262 -24.35 -7.83 -26.80
C PHE A 262 -25.85 -7.89 -27.00
N GLN A 263 -26.47 -8.88 -26.38
CA GLN A 263 -27.90 -9.07 -26.51
C GLN A 263 -28.73 -8.36 -25.45
N ASN A 264 -30.03 -8.33 -25.67
CA ASN A 264 -30.98 -7.68 -24.78
C ASN A 264 -31.37 -8.44 -23.53
N TYR A 265 -30.40 -8.78 -22.68
CA TYR A 265 -30.76 -9.48 -21.46
C TYR A 265 -29.75 -9.33 -20.35
N SER A 266 -30.27 -9.18 -19.14
CA SER A 266 -29.43 -9.04 -17.97
C SER A 266 -29.27 -10.41 -17.33
N TYR A 267 -28.31 -10.52 -16.43
CA TYR A 267 -28.04 -11.77 -15.76
C TYR A 267 -28.48 -11.61 -14.32
N GLY A 268 -29.25 -12.57 -13.83
CA GLY A 268 -29.74 -12.51 -12.46
C GLY A 268 -28.66 -12.21 -11.43
N GLY A 269 -27.97 -13.26 -10.98
CA GLY A 269 -26.93 -13.09 -9.98
C GLY A 269 -25.63 -12.42 -10.42
N VAL A 270 -24.52 -12.94 -9.93
CA VAL A 270 -23.20 -12.40 -10.26
C VAL A 270 -22.19 -13.52 -10.47
N ILE A 271 -21.18 -13.22 -11.26
CA ILE A 271 -20.13 -14.17 -11.55
C ILE A 271 -18.83 -13.71 -10.88
N GLN A 272 -18.24 -14.58 -10.08
CA GLN A 272 -16.99 -14.24 -9.39
C GLN A 272 -15.89 -13.89 -10.37
N ASP A 273 -15.30 -12.71 -10.20
CA ASP A 273 -14.22 -12.26 -11.06
C ASP A 273 -13.50 -11.11 -10.37
N ASP A 274 -12.46 -10.58 -11.02
CA ASP A 274 -11.67 -9.48 -10.47
C ASP A 274 -12.42 -8.19 -10.18
N HIS A 275 -13.65 -8.08 -10.66
CA HIS A 275 -14.45 -6.87 -10.45
C HIS A 275 -15.12 -6.86 -9.07
N ILE A 276 -15.30 -8.03 -8.49
CA ILE A 276 -15.95 -8.16 -7.18
C ILE A 276 -15.37 -7.24 -6.10
N PRO A 277 -14.05 -7.30 -5.87
CA PRO A 277 -13.43 -6.45 -4.84
C PRO A 277 -13.70 -4.96 -5.08
N PHE A 278 -13.93 -4.57 -6.34
CA PHE A 278 -14.19 -3.18 -6.66
C PHE A 278 -15.68 -2.86 -6.53
N LEU A 279 -16.49 -3.72 -7.14
CA LEU A 279 -17.94 -3.58 -7.10
C LEU A 279 -18.40 -3.44 -5.65
N ARG A 280 -17.95 -4.35 -4.78
CA ARG A 280 -18.32 -4.33 -3.37
C ARG A 280 -17.88 -3.07 -2.64
N ARG A 281 -17.09 -2.24 -3.31
CA ARG A 281 -16.63 -0.99 -2.73
C ARG A 281 -17.23 0.21 -3.46
N GLY A 282 -18.28 -0.04 -4.24
CA GLY A 282 -18.96 1.03 -4.95
C GLY A 282 -18.52 1.44 -6.35
N VAL A 283 -17.55 0.74 -6.92
CA VAL A 283 -17.10 1.08 -8.25
C VAL A 283 -18.04 0.53 -9.31
N PRO A 284 -18.46 1.37 -10.28
CA PRO A 284 -19.35 0.95 -11.36
C PRO A 284 -18.59 -0.02 -12.26
N VAL A 285 -19.24 -1.12 -12.60
CA VAL A 285 -18.57 -2.12 -13.41
C VAL A 285 -19.29 -2.52 -14.68
N LEU A 286 -18.52 -2.70 -15.74
CA LEU A 286 -19.05 -3.17 -17.01
C LEU A 286 -18.27 -4.48 -17.18
N HIS A 287 -18.89 -5.59 -16.79
CA HIS A 287 -18.27 -6.91 -16.82
C HIS A 287 -18.39 -7.64 -18.16
N LEU A 288 -17.34 -7.55 -18.97
CA LEU A 288 -17.37 -8.20 -20.27
C LEU A 288 -16.90 -9.65 -20.24
N ILE A 289 -17.75 -10.52 -19.72
CA ILE A 289 -17.48 -11.95 -19.66
C ILE A 289 -18.71 -12.57 -20.31
N PRO A 290 -18.52 -13.56 -21.18
CA PRO A 290 -19.70 -14.15 -21.80
C PRO A 290 -20.41 -15.19 -20.93
N SER A 291 -21.70 -15.35 -21.18
CA SER A 291 -22.51 -16.32 -20.46
C SER A 291 -23.40 -17.01 -21.49
N PRO A 292 -23.26 -18.33 -21.65
CA PRO A 292 -22.34 -19.23 -20.96
C PRO A 292 -20.86 -19.03 -21.31
N PHE A 293 -19.99 -19.60 -20.49
CA PHE A 293 -18.55 -19.52 -20.70
C PHE A 293 -18.14 -20.35 -21.91
N PRO A 294 -16.92 -20.12 -22.42
CA PRO A 294 -16.43 -20.88 -23.58
C PRO A 294 -16.41 -22.37 -23.20
N GLU A 295 -16.75 -23.23 -24.14
CA GLU A 295 -16.76 -24.67 -23.88
C GLU A 295 -15.45 -25.17 -23.30
N VAL A 296 -14.35 -24.56 -23.74
CA VAL A 296 -13.02 -24.96 -23.31
C VAL A 296 -12.61 -24.48 -21.93
N TRP A 297 -13.51 -23.80 -21.25
CA TRP A 297 -13.24 -23.25 -19.91
C TRP A 297 -12.45 -24.20 -19.01
N HIS A 298 -11.27 -23.75 -18.58
CA HIS A 298 -10.39 -24.51 -17.69
C HIS A 298 -10.05 -25.91 -18.18
N THR A 299 -9.85 -26.01 -19.48
CA THR A 299 -9.52 -27.24 -20.16
C THR A 299 -8.22 -26.99 -20.92
N MET A 300 -7.47 -28.04 -21.22
CA MET A 300 -6.22 -27.89 -21.96
C MET A 300 -6.52 -27.43 -23.39
N ASP A 301 -7.79 -27.46 -23.76
CA ASP A 301 -8.20 -27.04 -25.09
C ASP A 301 -8.42 -25.53 -25.18
N ASP A 302 -8.27 -24.83 -24.06
CA ASP A 302 -8.40 -23.37 -24.11
C ASP A 302 -7.06 -22.89 -24.64
N ASN A 303 -6.83 -23.17 -25.91
CA ASN A 303 -5.58 -22.81 -26.60
C ASN A 303 -5.81 -21.93 -27.84
N GLU A 304 -4.73 -21.64 -28.55
CA GLU A 304 -4.76 -20.79 -29.74
C GLU A 304 -5.63 -21.34 -30.86
N GLU A 305 -5.53 -22.65 -31.06
CA GLU A 305 -6.29 -23.34 -32.10
C GLU A 305 -7.80 -23.13 -31.99
N ASN A 306 -8.30 -23.00 -30.77
CA ASN A 306 -9.73 -22.82 -30.57
C ASN A 306 -10.21 -21.37 -30.49
N LEU A 307 -9.36 -20.43 -30.86
CA LEU A 307 -9.73 -19.02 -30.83
C LEU A 307 -10.44 -18.63 -32.13
N ASP A 308 -11.39 -17.72 -32.03
CA ASP A 308 -12.12 -17.25 -33.20
C ASP A 308 -11.57 -15.88 -33.58
N GLU A 309 -10.65 -15.87 -34.54
CA GLU A 309 -10.01 -14.65 -35.01
C GLU A 309 -10.93 -13.47 -35.33
N SER A 310 -11.91 -13.71 -36.19
CA SER A 310 -12.82 -12.64 -36.58
C SER A 310 -13.64 -12.12 -35.41
N THR A 311 -13.99 -12.99 -34.48
CA THR A 311 -14.76 -12.54 -33.32
C THR A 311 -13.91 -11.60 -32.49
N ILE A 312 -12.64 -11.93 -32.31
CA ILE A 312 -11.74 -11.09 -31.53
C ILE A 312 -11.53 -9.77 -32.26
N ASP A 313 -11.42 -9.85 -33.58
CA ASP A 313 -11.22 -8.67 -34.41
C ASP A 313 -12.41 -7.73 -34.25
N ASN A 314 -13.60 -8.28 -34.38
CA ASN A 314 -14.83 -7.49 -34.23
C ASN A 314 -14.87 -6.83 -32.84
N LEU A 315 -14.54 -7.60 -31.81
CA LEU A 315 -14.56 -7.06 -30.45
C LEU A 315 -13.53 -5.95 -30.27
N ASN A 316 -12.38 -6.07 -30.93
CA ASN A 316 -11.35 -5.04 -30.84
C ASN A 316 -11.90 -3.72 -31.37
N LYS A 317 -12.57 -3.78 -32.50
CA LYS A 317 -13.12 -2.57 -33.09
C LYS A 317 -14.18 -1.95 -32.18
N ILE A 318 -15.01 -2.80 -31.59
CA ILE A 318 -16.07 -2.32 -30.71
C ILE A 318 -15.49 -1.65 -29.47
N LEU A 319 -14.58 -2.34 -28.79
CA LEU A 319 -13.96 -1.83 -27.58
C LEU A 319 -13.23 -0.51 -27.84
N GLN A 320 -12.48 -0.47 -28.94
CA GLN A 320 -11.73 0.73 -29.30
C GLN A 320 -12.64 1.94 -29.53
N VAL A 321 -13.78 1.73 -30.17
CA VAL A 321 -14.72 2.81 -30.40
C VAL A 321 -15.29 3.27 -29.05
N PHE A 322 -15.71 2.31 -28.23
CA PHE A 322 -16.25 2.61 -26.91
C PHE A 322 -15.30 3.51 -26.12
N VAL A 323 -14.04 3.12 -26.09
CA VAL A 323 -13.03 3.89 -25.36
C VAL A 323 -12.85 5.29 -25.92
N LEU A 324 -12.73 5.41 -27.24
CA LEU A 324 -12.55 6.73 -27.84
C LEU A 324 -13.76 7.61 -27.55
N GLU A 325 -14.96 7.05 -27.66
CA GLU A 325 -16.17 7.82 -27.41
C GLU A 325 -16.28 8.24 -25.93
N TYR A 326 -15.89 7.35 -25.03
CA TYR A 326 -15.94 7.64 -23.60
C TYR A 326 -14.95 8.76 -23.27
N LEU A 327 -13.79 8.74 -23.90
CA LEU A 327 -12.76 9.73 -23.64
C LEU A 327 -12.84 10.99 -24.51
N HIS A 328 -13.84 11.08 -25.37
CA HIS A 328 -13.99 12.24 -26.25
C HIS A 328 -12.77 12.43 -27.14
N LEU A 329 -12.26 11.33 -27.68
CA LEU A 329 -11.09 11.39 -28.57
C LEU A 329 -11.53 10.99 -29.98
N ALA B 1 12.38 -21.20 3.06
CA ALA B 1 12.75 -21.32 4.51
C ALA B 1 14.05 -20.57 4.78
N SER B 2 13.99 -19.24 4.74
CA SER B 2 15.16 -18.43 5.01
C SER B 2 15.42 -18.47 6.51
N ALA B 3 16.68 -18.28 6.90
CA ALA B 3 17.04 -18.32 8.31
C ALA B 3 17.15 -16.94 8.95
N TRP B 4 17.38 -15.91 8.14
CA TRP B 4 17.53 -14.57 8.71
C TRP B 4 16.38 -14.07 9.59
N PRO B 5 15.13 -14.50 9.35
CA PRO B 5 14.08 -13.99 10.24
C PRO B 5 14.20 -14.56 11.64
N GLU B 6 15.10 -15.52 11.82
CA GLU B 6 15.30 -16.16 13.12
C GLU B 6 16.47 -15.52 13.87
N GLU B 7 17.31 -14.79 13.15
CA GLU B 7 18.49 -14.16 13.75
C GLU B 7 18.19 -13.35 15.01
N LYS B 8 17.07 -12.64 15.04
CA LYS B 8 16.71 -11.83 16.20
C LYS B 8 16.63 -12.61 17.52
N ASN B 9 16.25 -13.88 17.48
CA ASN B 9 16.17 -14.68 18.70
C ASN B 9 17.53 -14.86 19.38
N TYR B 10 18.60 -14.90 18.59
CA TYR B 10 19.94 -15.12 19.14
C TYR B 10 20.79 -13.87 19.24
N HIS B 11 20.32 -12.77 18.66
CA HIS B 11 21.08 -11.53 18.67
C HIS B 11 21.43 -11.07 20.08
N GLN B 12 22.69 -10.68 20.25
CA GLN B 12 23.20 -10.21 21.53
C GLN B 12 23.75 -8.81 21.33
N PRO B 13 23.71 -7.97 22.37
CA PRO B 13 24.23 -6.61 22.24
C PRO B 13 25.74 -6.58 22.43
N ALA B 14 26.39 -5.56 21.88
CA ALA B 14 27.82 -5.38 22.02
C ALA B 14 27.98 -4.22 23.00
N ILE B 15 28.04 -4.55 24.28
CA ILE B 15 28.14 -3.56 25.35
C ILE B 15 29.28 -2.55 25.25
N LEU B 16 29.04 -1.35 25.78
CA LEU B 16 30.03 -0.28 25.76
C LEU B 16 30.79 -0.21 27.09
N ASN B 17 32.09 0.02 27.03
CA ASN B 17 32.88 0.12 28.25
C ASN B 17 32.72 1.53 28.80
N SER B 18 33.21 1.74 30.03
CA SER B 18 33.14 3.03 30.71
C SER B 18 33.43 4.25 29.84
N SER B 19 34.57 4.21 29.16
CA SER B 19 34.98 5.32 28.32
C SER B 19 33.92 5.64 27.25
N ALA B 20 33.39 4.61 26.62
CA ALA B 20 32.38 4.78 25.57
C ALA B 20 31.10 5.37 26.17
N LEU B 21 30.73 4.91 27.35
CA LEU B 21 29.53 5.42 28.00
C LEU B 21 29.65 6.92 28.26
N ARG B 22 30.84 7.37 28.65
CA ARG B 22 31.04 8.79 28.90
C ARG B 22 30.96 9.56 27.59
N GLN B 23 31.49 8.99 26.52
CA GLN B 23 31.44 9.63 25.22
C GLN B 23 29.98 9.87 24.83
N ILE B 24 29.16 8.85 24.99
CA ILE B 24 27.74 8.94 24.67
C ILE B 24 27.07 10.00 25.53
N ALA B 25 27.31 9.95 26.84
CA ALA B 25 26.72 10.92 27.75
C ALA B 25 27.09 12.35 27.35
N GLU B 26 28.30 12.53 26.84
CA GLU B 26 28.76 13.86 26.44
C GLU B 26 28.26 14.26 25.05
N GLY B 27 28.03 13.27 24.19
CA GLY B 27 27.60 13.55 22.83
C GLY B 27 26.17 14.00 22.57
N THR B 28 25.34 14.03 23.60
CA THR B 28 23.95 14.46 23.41
C THR B 28 23.65 15.77 24.14
N SER B 29 22.92 16.66 23.46
CA SER B 29 22.59 17.95 24.05
C SER B 29 21.09 18.14 24.26
N ILE B 30 20.66 18.09 25.52
CA ILE B 30 19.25 18.25 25.82
C ILE B 30 18.75 19.64 25.44
N SER B 31 19.64 20.62 25.51
CA SER B 31 19.29 22.00 25.18
C SER B 31 19.12 22.15 23.67
N GLU B 32 19.92 21.42 22.90
CA GLU B 32 19.83 21.50 21.44
C GLU B 32 18.54 20.83 20.96
N MET B 33 18.23 19.67 21.53
CA MET B 33 17.02 18.94 21.18
C MET B 33 15.79 19.80 21.48
N TRP B 34 15.79 20.35 22.69
CA TRP B 34 14.70 21.19 23.16
C TRP B 34 14.42 22.34 22.18
N GLN B 35 15.47 23.07 21.85
CA GLN B 35 15.39 24.21 20.95
C GLN B 35 15.13 23.90 19.48
N ASN B 36 15.88 22.96 18.93
CA ASN B 36 15.75 22.63 17.52
C ASN B 36 14.83 21.46 17.14
N ASP B 37 14.60 20.54 18.07
CA ASP B 37 13.75 19.39 17.78
C ASP B 37 12.38 19.42 18.44
N LEU B 38 12.36 19.70 19.74
CA LEU B 38 11.13 19.71 20.51
C LEU B 38 10.17 20.88 20.25
N GLN B 39 10.62 22.10 20.55
CA GLN B 39 9.75 23.27 20.40
C GLN B 39 8.97 23.38 19.11
N PRO B 40 9.59 23.09 17.96
CA PRO B 40 8.82 23.20 16.72
C PRO B 40 7.58 22.28 16.70
N LEU B 41 7.65 21.19 17.45
CA LEU B 41 6.56 20.21 17.49
C LEU B 41 5.47 20.52 18.51
N LEU B 42 5.72 21.47 19.40
CA LEU B 42 4.74 21.82 20.42
C LEU B 42 3.64 22.68 19.84
N ILE B 43 2.93 22.13 18.87
CA ILE B 43 1.84 22.82 18.19
C ILE B 43 0.66 21.88 17.97
N GLU B 44 -0.53 22.45 17.80
CA GLU B 44 -1.74 21.67 17.55
C GLU B 44 -1.51 20.94 16.22
N ARG B 45 -1.48 19.62 16.27
CA ARG B 45 -1.18 18.82 15.08
C ARG B 45 -2.00 17.55 14.88
N TYR B 46 -3.31 17.62 15.12
CA TYR B 46 -4.13 16.44 14.92
C TYR B 46 -4.11 16.12 13.42
N PRO B 47 -4.47 14.89 13.04
CA PRO B 47 -4.45 14.51 11.62
C PRO B 47 -5.18 15.47 10.66
N GLY B 48 -4.51 15.77 9.55
CA GLY B 48 -5.10 16.62 8.53
C GLY B 48 -5.07 18.12 8.78
N SER B 49 -4.55 18.54 9.93
CA SER B 49 -4.48 19.96 10.25
C SER B 49 -3.16 20.52 9.73
N PRO B 50 -3.07 21.86 9.61
CA PRO B 50 -1.83 22.47 9.13
C PRO B 50 -0.65 22.05 10.02
N GLY B 51 -0.89 21.98 11.33
CA GLY B 51 0.15 21.60 12.26
C GLY B 51 0.72 20.22 11.99
N SER B 52 -0.11 19.33 11.45
CA SER B 52 0.33 17.98 11.12
C SER B 52 1.36 18.05 9.99
N TYR B 53 1.05 18.80 8.95
CA TYR B 53 1.94 18.96 7.82
C TYR B 53 3.21 19.69 8.23
N ALA B 54 3.07 20.66 9.13
CA ALA B 54 4.20 21.43 9.62
C ALA B 54 5.14 20.48 10.38
N ALA B 55 4.56 19.70 11.28
CA ALA B 55 5.32 18.74 12.09
C ALA B 55 6.02 17.73 11.20
N ARG B 56 5.30 17.21 10.21
CA ARG B 56 5.83 16.24 9.27
C ARG B 56 7.05 16.81 8.55
N GLN B 57 6.94 18.05 8.09
CA GLN B 57 8.05 18.69 7.39
C GLN B 57 9.24 18.94 8.31
N HIS B 58 8.96 19.31 9.56
CA HIS B 58 10.01 19.56 10.54
C HIS B 58 10.84 18.29 10.71
N ILE B 59 10.14 17.18 10.98
CA ILE B 59 10.79 15.90 11.20
C ILE B 59 11.64 15.49 9.99
N MET B 60 11.12 15.72 8.79
CA MET B 60 11.85 15.40 7.57
C MET B 60 13.11 16.24 7.43
N GLN B 61 12.97 17.56 7.54
CA GLN B 61 14.10 18.47 7.41
C GLN B 61 15.20 18.20 8.43
N ARG B 62 14.83 17.87 9.66
CA ARG B 62 15.84 17.59 10.67
C ARG B 62 16.64 16.33 10.34
N ILE B 63 15.98 15.36 9.73
CA ILE B 63 16.66 14.12 9.37
C ILE B 63 17.50 14.29 8.11
N GLN B 64 16.99 15.07 7.15
CA GLN B 64 17.70 15.29 5.90
C GLN B 64 19.00 16.07 6.06
N ARG B 65 19.11 16.83 7.14
CA ARG B 65 20.31 17.63 7.37
C ARG B 65 21.42 16.80 8.03
N LEU B 66 21.11 15.55 8.37
CA LEU B 66 22.10 14.68 9.00
C LEU B 66 22.99 14.03 7.95
N GLN B 67 24.14 13.53 8.37
CA GLN B 67 25.07 12.90 7.44
C GLN B 67 24.69 11.47 7.05
N ALA B 68 24.17 10.70 8.00
CA ALA B 68 23.78 9.33 7.71
C ALA B 68 22.86 9.29 6.50
N ASP B 69 22.89 8.19 5.76
CA ASP B 69 22.10 8.03 4.55
C ASP B 69 20.66 7.59 4.81
N TRP B 70 19.92 8.42 5.55
CA TRP B 70 18.53 8.14 5.86
C TRP B 70 17.63 8.22 4.64
N VAL B 71 16.78 7.20 4.45
CA VAL B 71 15.85 7.22 3.33
C VAL B 71 14.47 7.48 3.89
N LEU B 72 13.86 8.58 3.47
CA LEU B 72 12.54 8.97 3.93
C LEU B 72 11.41 8.48 3.06
N GLU B 73 10.35 8.04 3.72
CA GLU B 73 9.17 7.52 3.03
C GLU B 73 7.93 8.05 3.75
N ILE B 74 7.08 8.76 3.01
CA ILE B 74 5.84 9.27 3.57
C ILE B 74 4.76 8.27 3.17
N ASP B 75 4.19 7.59 4.16
CA ASP B 75 3.14 6.61 3.91
C ASP B 75 1.78 7.29 4.12
N THR B 76 1.20 7.78 3.02
CA THR B 76 -0.07 8.48 3.07
C THR B 76 -1.22 7.59 2.66
N PHE B 77 -2.22 7.49 3.53
CA PHE B 77 -3.38 6.65 3.26
C PHE B 77 -4.65 7.35 3.70
N LEU B 78 -5.76 6.81 3.23
CA LEU B 78 -7.07 7.34 3.55
C LEU B 78 -7.74 6.29 4.43
N SER B 79 -8.39 6.75 5.49
CA SER B 79 -9.07 5.84 6.40
C SER B 79 -10.37 6.47 6.88
N GLN B 80 -11.27 5.61 7.35
CA GLN B 80 -12.59 5.99 7.85
C GLN B 80 -12.52 6.42 9.31
N THR B 81 -13.21 7.52 9.64
CA THR B 81 -13.23 8.02 11.02
C THR B 81 -14.66 8.41 11.40
N PRO B 82 -14.88 8.77 12.68
CA PRO B 82 -16.21 9.16 13.15
C PRO B 82 -16.70 10.43 12.45
N TYR B 83 -15.80 11.06 11.71
CA TYR B 83 -16.12 12.28 10.97
C TYR B 83 -15.92 12.11 9.47
N GLY B 84 -15.92 10.87 9.00
CA GLY B 84 -15.75 10.62 7.58
C GLY B 84 -14.33 10.26 7.22
N TYR B 85 -14.11 10.07 5.92
CA TYR B 85 -12.78 9.71 5.43
C TYR B 85 -11.82 10.85 5.67
N ARG B 86 -10.59 10.50 6.02
CA ARG B 86 -9.54 11.49 6.27
C ARG B 86 -8.19 10.94 5.85
N SER B 87 -7.29 11.85 5.51
CA SER B 87 -5.96 11.46 5.10
C SER B 87 -5.01 11.45 6.30
N PHE B 88 -4.11 10.47 6.33
CA PHE B 88 -3.11 10.33 7.39
C PHE B 88 -1.77 10.12 6.68
N SER B 89 -0.67 10.48 7.34
CA SER B 89 0.64 10.29 6.73
C SER B 89 1.68 9.80 7.73
N ASN B 90 2.08 8.53 7.64
CA ASN B 90 3.11 8.01 8.53
C ASN B 90 4.46 8.47 7.98
N ILE B 91 5.43 8.65 8.87
CA ILE B 91 6.77 9.06 8.44
C ILE B 91 7.72 7.92 8.76
N ILE B 92 8.34 7.37 7.73
CA ILE B 92 9.30 6.28 7.94
C ILE B 92 10.67 6.76 7.49
N SER B 93 11.65 6.63 8.37
CA SER B 93 13.02 7.03 8.11
C SER B 93 13.88 5.77 8.25
N THR B 94 14.47 5.32 7.16
CA THR B 94 15.25 4.09 7.19
C THR B 94 16.70 4.19 6.69
N LEU B 95 17.58 3.49 7.41
CA LEU B 95 18.99 3.41 7.03
C LEU B 95 19.14 2.03 6.40
N ASN B 96 19.66 1.98 5.18
CA ASN B 96 19.86 0.71 4.50
C ASN B 96 18.51 0.03 4.28
N PRO B 97 17.64 0.65 3.47
CA PRO B 97 16.31 0.12 3.17
C PRO B 97 16.34 -1.38 2.87
N THR B 98 17.44 -1.81 2.25
CA THR B 98 17.63 -3.21 1.88
C THR B 98 18.17 -4.05 3.05
N ALA B 99 18.55 -3.40 4.14
CA ALA B 99 19.06 -4.12 5.31
C ALA B 99 17.97 -5.04 5.83
N LYS B 100 18.06 -6.31 5.43
CA LYS B 100 17.09 -7.33 5.83
C LYS B 100 16.50 -7.18 7.22
N ARG B 101 17.33 -6.80 8.19
CA ARG B 101 16.90 -6.63 9.56
C ARG B 101 17.07 -5.19 10.04
N HIS B 102 16.12 -4.71 10.82
CA HIS B 102 16.20 -3.37 11.36
C HIS B 102 15.69 -3.28 12.79
N LEU B 103 16.36 -2.47 13.58
CA LEU B 103 15.93 -2.21 14.95
C LEU B 103 14.99 -1.03 14.71
N VAL B 104 13.79 -1.08 15.28
CA VAL B 104 12.84 0.00 15.04
C VAL B 104 12.49 0.82 16.27
N LEU B 105 12.64 2.14 16.15
CA LEU B 105 12.27 3.07 17.23
C LEU B 105 11.07 3.80 16.67
N ALA B 106 10.06 4.01 17.51
CA ALA B 106 8.86 4.69 17.06
C ALA B 106 8.09 5.45 18.13
N CYS B 107 7.16 6.27 17.68
CA CYS B 107 6.30 7.07 18.54
C CYS B 107 5.27 7.63 17.57
N HIS B 108 4.28 8.35 18.07
CA HIS B 108 3.29 8.93 17.17
C HIS B 108 3.52 10.45 17.16
N TYR B 109 3.35 11.09 16.02
CA TYR B 109 3.59 12.53 15.97
C TYR B 109 2.33 13.38 15.93
N ASP B 110 1.16 12.75 15.89
CA ASP B 110 -0.08 13.52 15.88
C ASP B 110 -0.41 13.89 17.32
N SER B 111 -1.28 14.89 17.49
CA SER B 111 -1.71 15.30 18.81
C SER B 111 -3.22 15.05 18.84
N LYS B 112 -3.73 14.66 19.99
CA LYS B 112 -5.15 14.37 20.11
C LYS B 112 -6.00 15.58 19.77
N TYR B 113 -7.04 15.36 18.97
CA TYR B 113 -7.95 16.42 18.58
C TYR B 113 -8.86 16.82 19.74
N PHE B 114 -8.79 18.09 20.13
CA PHE B 114 -9.60 18.63 21.21
C PHE B 114 -10.11 20.01 20.83
N SER B 115 -11.23 20.42 21.41
CA SER B 115 -11.74 21.76 21.17
C SER B 115 -10.80 22.60 22.03
N HIS B 116 -10.88 23.91 21.95
CA HIS B 116 -9.98 24.75 22.75
C HIS B 116 -10.50 25.07 24.15
N TRP B 117 -10.55 24.03 24.98
CA TRP B 117 -11.00 24.12 26.35
C TRP B 117 -10.26 25.24 27.10
N ASN B 118 -11.01 26.08 27.79
CA ASN B 118 -10.41 27.19 28.54
C ASN B 118 -9.49 28.05 27.70
N ASN B 119 -9.72 28.08 26.40
CA ASN B 119 -8.92 28.90 25.51
C ASN B 119 -7.47 28.43 25.48
N ARG B 120 -7.27 27.13 25.65
CA ARG B 120 -5.94 26.55 25.61
C ARG B 120 -5.93 25.57 24.45
N VAL B 121 -4.74 25.25 23.96
CA VAL B 121 -4.61 24.34 22.84
C VAL B 121 -3.84 23.10 23.30
N PHE B 122 -4.38 21.91 23.02
CA PHE B 122 -3.70 20.69 23.42
C PHE B 122 -2.55 20.42 22.46
N VAL B 123 -1.36 20.26 23.02
CA VAL B 123 -0.18 20.02 22.20
C VAL B 123 0.54 18.72 22.51
N GLY B 124 0.01 17.96 23.47
CA GLY B 124 0.61 16.68 23.82
C GLY B 124 2.13 16.68 23.92
N ALA B 125 2.66 17.44 24.88
CA ALA B 125 4.10 17.55 25.08
C ALA B 125 4.76 16.19 25.30
N THR B 126 4.22 15.42 26.24
CA THR B 126 4.77 14.09 26.54
C THR B 126 4.11 13.07 25.62
N ASP B 127 3.03 13.49 24.98
CA ASP B 127 2.21 12.60 24.16
C ASP B 127 1.94 13.08 22.74
N SER B 128 2.92 12.98 21.83
CA SER B 128 4.23 12.45 22.12
C SER B 128 5.33 13.30 21.47
N ALA B 129 5.26 14.61 21.68
CA ALA B 129 6.25 15.51 21.11
C ALA B 129 7.66 15.16 21.59
N VAL B 130 7.81 14.96 22.90
CA VAL B 130 9.11 14.61 23.46
C VAL B 130 9.64 13.32 22.82
N PRO B 131 8.82 12.26 22.80
CA PRO B 131 9.34 11.03 22.17
C PRO B 131 9.83 11.33 20.74
N CYS B 132 9.14 12.24 20.04
CA CYS B 132 9.54 12.62 18.70
C CYS B 132 10.92 13.28 18.71
N ALA B 133 11.09 14.26 19.60
CA ALA B 133 12.36 14.98 19.71
C ALA B 133 13.49 14.06 20.14
N MET B 134 13.19 13.11 21.02
CA MET B 134 14.20 12.18 21.49
C MET B 134 14.74 11.35 20.32
N MET B 135 13.84 10.92 19.44
CA MET B 135 14.23 10.13 18.29
C MET B 135 15.08 11.00 17.37
N LEU B 136 14.69 12.26 17.22
CA LEU B 136 15.44 13.18 16.38
C LEU B 136 16.82 13.45 16.97
N GLU B 137 16.88 13.65 18.28
CA GLU B 137 18.15 13.89 18.96
C GLU B 137 19.06 12.67 18.84
N LEU B 138 18.47 11.48 18.96
CA LEU B 138 19.26 10.26 18.86
C LEU B 138 19.92 10.16 17.48
N ALA B 139 19.18 10.52 16.44
CA ALA B 139 19.70 10.48 15.08
C ALA B 139 20.89 11.43 14.91
N ARG B 140 20.74 12.64 15.44
CA ARG B 140 21.79 13.65 15.35
C ARG B 140 23.02 13.25 16.16
N ALA B 141 22.80 12.99 17.45
CA ALA B 141 23.89 12.61 18.35
C ALA B 141 24.71 11.43 17.87
N LEU B 142 24.06 10.40 17.36
CA LEU B 142 24.76 9.21 16.89
C LEU B 142 25.05 9.27 15.40
N ASP B 143 24.78 10.41 14.78
CA ASP B 143 24.98 10.56 13.34
C ASP B 143 26.27 10.02 12.76
N LYS B 144 27.41 10.38 13.36
CA LYS B 144 28.71 9.92 12.87
C LYS B 144 28.83 8.40 12.90
N LYS B 145 28.39 7.78 14.00
CA LYS B 145 28.46 6.33 14.10
C LYS B 145 27.48 5.66 13.14
N LEU B 146 26.28 6.22 13.02
CA LEU B 146 25.27 5.65 12.12
C LEU B 146 25.73 5.75 10.67
N LEU B 147 26.62 6.71 10.40
CA LEU B 147 27.13 6.93 9.06
C LEU B 147 27.98 5.75 8.56
N SER B 148 28.57 5.00 9.49
CA SER B 148 29.39 3.85 9.14
C SER B 148 28.58 2.71 8.54
N LEU B 149 27.28 2.92 8.34
CA LEU B 149 26.41 1.91 7.77
C LEU B 149 26.10 2.16 6.29
N ASP B 158 23.58 -8.26 8.87
CA ASP B 158 22.85 -7.30 8.00
C ASP B 158 21.72 -6.71 8.83
N LEU B 159 22.11 -5.83 9.75
CA LEU B 159 21.16 -5.20 10.65
C LEU B 159 21.35 -3.69 10.67
N SER B 160 20.26 -2.94 10.51
CA SER B 160 20.37 -1.49 10.54
C SER B 160 19.29 -0.83 11.40
N LEU B 161 19.10 0.46 11.23
CA LEU B 161 18.15 1.20 12.05
C LEU B 161 17.02 1.86 11.26
N GLN B 162 15.86 1.94 11.89
CA GLN B 162 14.68 2.54 11.28
C GLN B 162 13.86 3.30 12.31
N LEU B 163 13.34 4.46 11.91
CA LEU B 163 12.52 5.29 12.77
C LEU B 163 11.14 5.39 12.15
N ILE B 164 10.11 5.21 12.96
CA ILE B 164 8.74 5.34 12.47
C ILE B 164 8.01 6.36 13.33
N PHE B 165 7.40 7.35 12.68
CA PHE B 165 6.63 8.37 13.38
C PHE B 165 5.20 8.15 12.89
N PHE B 166 4.39 7.49 13.72
CA PHE B 166 3.01 7.19 13.36
C PHE B 166 2.09 8.41 13.42
N ASP B 167 1.17 8.47 12.47
CA ASP B 167 0.18 9.55 12.46
C ASP B 167 -1.10 8.88 12.99
N GLY B 168 -2.06 9.71 13.41
CA GLY B 168 -3.33 9.19 13.91
C GLY B 168 -3.34 8.14 15.00
N GLN B 169 -2.47 8.25 16.00
CA GLN B 169 -2.50 7.26 17.07
C GLN B 169 -3.74 7.49 17.92
N GLU B 170 -4.05 8.75 18.18
CA GLU B 170 -5.19 9.15 19.01
C GLU B 170 -6.54 8.99 18.33
N ALA B 171 -7.55 8.71 19.13
CA ALA B 171 -8.90 8.57 18.63
C ALA B 171 -9.41 9.98 18.34
N PHE B 172 -10.30 10.11 17.37
CA PHE B 172 -10.85 11.41 17.04
C PHE B 172 -11.99 11.72 18.00
N LEU B 173 -12.71 10.67 18.40
CA LEU B 173 -13.86 10.82 19.29
C LEU B 173 -13.79 9.96 20.55
N HIS B 174 -13.73 8.65 20.38
CA HIS B 174 -13.65 7.75 21.52
C HIS B 174 -12.78 6.53 21.21
N TRP B 175 -11.71 6.36 21.99
CA TRP B 175 -10.79 5.26 21.78
C TRP B 175 -11.49 3.93 21.65
N SER B 176 -11.32 3.31 20.48
CA SER B 176 -11.93 2.02 20.19
C SER B 176 -11.18 1.42 19.00
N PRO B 177 -11.45 0.15 18.67
CA PRO B 177 -10.77 -0.52 17.55
C PRO B 177 -10.78 0.24 16.22
N GLN B 178 -11.93 0.83 15.87
CA GLN B 178 -12.04 1.56 14.61
C GLN B 178 -11.76 3.07 14.70
N ASP B 179 -11.48 3.56 15.91
CA ASP B 179 -11.16 4.97 16.10
C ASP B 179 -9.94 5.06 17.00
N SER B 180 -8.78 4.83 16.40
CA SER B 180 -7.49 4.89 17.08
C SER B 180 -6.51 4.07 16.27
N LEU B 181 -5.22 4.30 16.51
CA LEU B 181 -4.16 3.57 15.83
C LEU B 181 -4.33 3.53 14.31
N TYR B 182 -4.83 4.62 13.73
CA TYR B 182 -5.01 4.69 12.29
C TYR B 182 -3.71 4.37 11.55
N GLY B 183 -2.64 5.11 11.89
CA GLY B 183 -1.36 4.93 11.24
C GLY B 183 -0.70 3.58 11.42
N SER B 184 -0.66 3.09 12.65
CA SER B 184 -0.03 1.82 12.96
C SER B 184 -0.78 0.61 12.39
N ARG B 185 -2.11 0.60 12.49
CA ARG B 185 -2.90 -0.49 11.96
C ARG B 185 -2.67 -0.56 10.46
N HIS B 186 -2.59 0.59 9.83
CA HIS B 186 -2.38 0.63 8.39
C HIS B 186 -0.96 0.25 7.99
N LEU B 187 0.03 0.78 8.69
CA LEU B 187 1.42 0.48 8.36
C LEU B 187 1.78 -0.98 8.67
N ALA B 188 1.21 -1.53 9.74
CA ALA B 188 1.46 -2.92 10.11
C ALA B 188 0.93 -3.85 9.00
N ALA B 189 -0.24 -3.54 8.46
CA ALA B 189 -0.83 -4.36 7.41
C ALA B 189 -0.01 -4.22 6.14
N LYS B 190 0.42 -2.99 5.83
CA LYS B 190 1.21 -2.72 4.64
C LYS B 190 2.56 -3.45 4.66
N MET B 191 3.22 -3.47 5.81
CA MET B 191 4.51 -4.14 5.91
C MET B 191 4.40 -5.67 5.87
N ALA B 192 3.35 -6.22 6.48
CA ALA B 192 3.16 -7.66 6.49
C ALA B 192 2.90 -8.23 5.09
N SER B 193 2.37 -7.42 4.19
CA SER B 193 2.07 -7.90 2.85
C SER B 193 3.08 -7.39 1.84
N THR B 194 4.17 -6.82 2.33
CA THR B 194 5.22 -6.30 1.46
C THR B 194 6.46 -7.18 1.54
N PRO B 195 6.87 -7.78 0.41
CA PRO B 195 8.04 -8.65 0.41
C PRO B 195 9.32 -7.95 0.85
N HIS B 196 10.10 -8.66 1.67
CA HIS B 196 11.38 -8.15 2.13
C HIS B 196 12.37 -9.29 2.35
N PRO B 197 13.57 -9.16 1.80
CA PRO B 197 13.97 -7.99 1.01
C PRO B 197 13.31 -8.07 -0.38
N PRO B 198 13.43 -7.01 -1.20
CA PRO B 198 12.83 -7.02 -2.54
C PRO B 198 13.09 -8.34 -3.25
N GLY B 199 12.06 -8.89 -3.88
CA GLY B 199 12.21 -10.15 -4.60
C GLY B 199 11.92 -11.39 -3.78
N ALA B 200 11.83 -11.25 -2.46
CA ALA B 200 11.55 -12.41 -1.60
C ALA B 200 10.19 -13.03 -1.91
N ARG B 201 10.08 -14.34 -1.70
CA ARG B 201 8.84 -15.07 -1.98
C ARG B 201 7.94 -15.28 -0.76
N GLY B 202 8.53 -15.42 0.42
CA GLY B 202 7.73 -15.67 1.60
C GLY B 202 8.06 -14.91 2.87
N THR B 203 8.82 -13.84 2.76
CA THR B 203 9.18 -13.05 3.93
C THR B 203 8.77 -11.59 3.68
N SER B 204 8.38 -10.90 4.75
CA SER B 204 7.93 -9.51 4.61
C SER B 204 8.77 -8.54 5.42
N GLN B 205 8.42 -7.26 5.32
CA GLN B 205 9.12 -6.21 6.04
C GLN B 205 8.87 -6.37 7.54
N LEU B 206 7.70 -6.91 7.87
CA LEU B 206 7.34 -7.12 9.26
C LEU B 206 8.28 -8.15 9.86
N HIS B 207 8.65 -9.15 9.07
CA HIS B 207 9.57 -10.18 9.54
C HIS B 207 10.95 -9.56 9.76
N GLY B 208 11.22 -8.45 9.07
CA GLY B 208 12.51 -7.80 9.21
C GLY B 208 12.67 -6.98 10.48
N MET B 209 11.57 -6.69 11.17
CA MET B 209 11.63 -5.90 12.39
C MET B 209 12.16 -6.74 13.55
N ASP B 210 13.40 -6.48 13.93
CA ASP B 210 14.04 -7.21 15.02
C ASP B 210 13.33 -6.97 16.33
N LEU B 211 13.08 -5.70 16.60
CA LEU B 211 12.43 -5.27 17.83
C LEU B 211 11.79 -3.91 17.58
N LEU B 212 10.61 -3.71 18.14
CA LEU B 212 9.92 -2.44 17.99
C LEU B 212 9.97 -1.75 19.34
N VAL B 213 10.74 -0.66 19.41
CA VAL B 213 10.86 0.09 20.65
C VAL B 213 9.95 1.30 20.51
N LEU B 214 8.80 1.22 21.17
CA LEU B 214 7.82 2.29 21.11
C LEU B 214 7.86 3.21 22.32
N LEU B 215 8.08 4.50 22.06
CA LEU B 215 8.13 5.53 23.09
C LEU B 215 6.79 6.27 23.10
N ASP B 216 6.21 6.43 24.27
CA ASP B 216 4.93 7.12 24.38
C ASP B 216 4.77 7.69 25.78
N LEU B 217 4.20 8.89 25.87
CA LEU B 217 3.96 9.54 27.15
C LEU B 217 5.23 9.72 27.97
N ILE B 218 6.27 10.24 27.33
CA ILE B 218 7.54 10.46 28.02
C ILE B 218 7.84 11.95 28.14
N GLY B 219 8.37 12.35 29.29
CA GLY B 219 8.69 13.75 29.50
C GLY B 219 8.45 14.20 30.92
N ALA B 220 7.49 13.55 31.58
CA ALA B 220 7.16 13.90 32.95
C ALA B 220 8.27 13.39 33.90
N PRO B 221 8.39 14.00 35.08
CA PRO B 221 9.42 13.57 36.03
C PRO B 221 9.03 12.28 36.75
N ASN B 222 10.04 11.56 37.22
CA ASN B 222 9.84 10.32 37.95
C ASN B 222 8.95 9.29 37.24
N PRO B 223 9.25 8.98 35.97
CA PRO B 223 8.42 7.98 35.31
C PRO B 223 8.81 6.60 35.82
N THR B 224 7.89 5.65 35.74
CA THR B 224 8.17 4.29 36.16
C THR B 224 7.71 3.36 35.03
N PHE B 225 8.68 2.79 34.33
CA PHE B 225 8.43 1.89 33.20
C PHE B 225 8.51 0.43 33.62
N PRO B 226 7.42 -0.33 33.42
CA PRO B 226 7.45 -1.74 33.78
C PRO B 226 7.76 -2.53 32.50
N ASN B 227 8.06 -3.82 32.62
CA ASN B 227 8.32 -4.64 31.45
C ASN B 227 6.97 -5.23 31.04
N PHE B 228 6.64 -5.16 29.76
CA PHE B 228 5.35 -5.67 29.31
C PHE B 228 5.32 -7.07 28.70
N PHE B 229 6.41 -7.50 28.08
CA PHE B 229 6.41 -8.79 27.42
C PHE B 229 7.52 -9.76 27.82
N PRO B 230 7.19 -11.04 27.93
CA PRO B 230 8.12 -12.11 28.32
C PRO B 230 9.24 -12.31 27.31
N ASN B 231 8.91 -12.24 26.03
CA ASN B 231 9.88 -12.47 24.98
C ASN B 231 10.90 -11.36 24.75
N SER B 232 10.61 -10.15 25.18
CA SER B 232 11.55 -9.05 25.00
C SER B 232 12.17 -8.63 26.32
N ALA B 233 11.80 -9.34 27.39
CA ALA B 233 12.31 -9.04 28.74
C ALA B 233 13.81 -8.84 28.81
N ARG B 234 14.58 -9.62 28.07
CA ARG B 234 16.03 -9.49 28.13
C ARG B 234 16.50 -8.14 27.59
N TRP B 235 15.70 -7.53 26.73
CA TRP B 235 16.07 -6.22 26.19
C TRP B 235 15.69 -5.15 27.20
N PHE B 236 14.66 -5.43 27.99
CA PHE B 236 14.24 -4.48 29.02
C PHE B 236 15.34 -4.54 30.10
N GLU B 237 15.82 -5.74 30.38
CA GLU B 237 16.86 -5.94 31.39
C GLU B 237 18.09 -5.13 31.00
N ARG B 238 18.34 -5.00 29.70
CA ARG B 238 19.49 -4.23 29.23
C ARG B 238 19.28 -2.75 29.56
N LEU B 239 18.02 -2.29 29.52
CA LEU B 239 17.74 -0.89 29.85
C LEU B 239 18.04 -0.63 31.32
N GLN B 240 17.64 -1.54 32.19
CA GLN B 240 17.88 -1.40 33.63
C GLN B 240 19.39 -1.34 33.88
N ALA B 241 20.10 -2.27 33.25
CA ALA B 241 21.55 -2.39 33.38
C ALA B 241 22.26 -1.13 32.89
N ILE B 242 21.76 -0.55 31.80
CA ILE B 242 22.38 0.66 31.27
C ILE B 242 22.09 1.82 32.20
N GLU B 243 20.86 1.88 32.72
CA GLU B 243 20.50 2.94 33.65
C GLU B 243 21.37 2.85 34.89
N HIS B 244 21.50 1.64 35.44
CA HIS B 244 22.31 1.43 36.64
C HIS B 244 23.75 1.90 36.46
N GLU B 245 24.40 1.41 35.40
CA GLU B 245 25.79 1.77 35.12
C GLU B 245 26.01 3.26 34.87
N LEU B 246 25.12 3.89 34.11
CA LEU B 246 25.27 5.33 33.84
C LEU B 246 25.14 6.11 35.15
N HIS B 247 24.25 5.65 36.03
CA HIS B 247 24.07 6.30 37.31
C HIS B 247 25.37 6.17 38.10
N GLU B 248 25.82 4.93 38.25
CA GLU B 248 27.05 4.61 38.98
C GLU B 248 28.27 5.39 38.49
N LEU B 249 28.30 5.67 37.19
CA LEU B 249 29.41 6.42 36.61
C LEU B 249 29.16 7.92 36.73
N GLY B 250 28.09 8.29 37.44
CA GLY B 250 27.76 9.69 37.61
C GLY B 250 27.48 10.40 36.29
N LEU B 251 26.88 9.69 35.34
CA LEU B 251 26.58 10.29 34.05
C LEU B 251 25.10 10.63 33.89
N LEU B 252 24.39 10.67 35.01
CA LEU B 252 22.97 10.99 35.05
C LEU B 252 22.74 12.16 36.01
N LYS B 253 21.83 13.07 35.67
CA LYS B 253 21.54 14.23 36.51
C LYS B 253 20.22 14.07 37.29
N ASP B 254 20.23 14.51 38.54
CA ASP B 254 19.05 14.42 39.42
C ASP B 254 18.44 13.02 39.32
N HIS B 255 19.27 12.01 39.52
CA HIS B 255 18.80 10.63 39.41
C HIS B 255 19.30 9.78 40.57
N SER B 256 18.40 8.96 41.12
CA SER B 256 18.75 8.09 42.25
C SER B 256 18.26 6.67 41.98
N LEU B 257 19.02 5.68 42.44
CA LEU B 257 18.64 4.30 42.25
C LEU B 257 17.31 4.00 42.97
N GLU B 258 16.99 4.83 43.94
CA GLU B 258 15.74 4.68 44.69
C GLU B 258 14.56 5.07 43.82
N GLY B 259 14.81 5.91 42.82
CA GLY B 259 13.75 6.33 41.94
C GLY B 259 14.08 6.07 40.48
N ARG B 260 14.70 4.92 40.21
CA ARG B 260 15.06 4.59 38.85
C ARG B 260 13.85 4.49 37.95
N TYR B 261 14.05 4.73 36.66
CA TYR B 261 12.95 4.69 35.70
C TYR B 261 12.47 3.30 35.34
N PHE B 262 13.40 2.40 35.06
CA PHE B 262 13.00 1.04 34.69
C PHE B 262 12.88 0.13 35.88
N GLN B 263 11.63 -0.18 36.19
CA GLN B 263 11.23 -1.03 37.32
C GLN B 263 11.64 -2.49 37.16
N ASN B 264 11.67 -3.22 38.26
CA ASN B 264 12.05 -4.63 38.21
C ASN B 264 10.85 -5.57 38.34
N TYR B 265 9.87 -5.38 37.47
CA TYR B 265 8.67 -6.22 37.47
C TYR B 265 7.96 -6.03 36.15
N SER B 266 7.10 -6.96 35.79
CA SER B 266 6.39 -6.82 34.53
C SER B 266 4.91 -6.55 34.71
N TYR B 267 4.36 -5.84 33.74
CA TYR B 267 2.96 -5.43 33.69
C TYR B 267 2.17 -6.57 33.06
N GLY B 268 1.31 -7.21 33.84
CA GLY B 268 0.53 -8.32 33.33
C GLY B 268 -0.12 -8.12 31.96
N GLY B 269 -1.10 -7.24 31.91
CA GLY B 269 -1.78 -7.00 30.65
C GLY B 269 -0.99 -6.22 29.62
N VAL B 270 -1.71 -5.39 28.88
CA VAL B 270 -1.11 -4.58 27.84
C VAL B 270 -1.83 -3.23 27.84
N ILE B 271 -1.17 -2.20 27.33
CA ILE B 271 -1.79 -0.87 27.25
C ILE B 271 -1.90 -0.54 25.76
N GLN B 272 -3.13 -0.37 25.29
CA GLN B 272 -3.39 -0.07 23.88
C GLN B 272 -2.45 1.02 23.38
N ASP B 273 -1.78 0.75 22.25
CA ASP B 273 -0.85 1.69 21.66
C ASP B 273 -0.46 1.21 20.26
N ASP B 274 0.34 2.01 19.56
CA ASP B 274 0.77 1.69 18.20
C ASP B 274 1.44 0.32 18.00
N HIS B 275 1.95 -0.28 19.07
CA HIS B 275 2.60 -1.58 18.94
C HIS B 275 1.63 -2.75 18.74
N ILE B 276 0.37 -2.57 19.14
CA ILE B 276 -0.61 -3.64 19.02
C ILE B 276 -0.71 -4.27 17.63
N PRO B 277 -0.87 -3.46 16.57
CA PRO B 277 -0.96 -4.09 15.25
C PRO B 277 0.27 -4.94 14.91
N PHE B 278 1.43 -4.58 15.47
CA PHE B 278 2.65 -5.34 15.22
C PHE B 278 2.79 -6.54 16.16
N LEU B 279 2.49 -6.34 17.42
CA LEU B 279 2.56 -7.39 18.41
C LEU B 279 1.70 -8.58 17.99
N ARG B 280 0.47 -8.31 17.56
CA ARG B 280 -0.41 -9.40 17.19
C ARG B 280 0.04 -10.15 15.94
N ARG B 281 1.05 -9.63 15.25
CA ARG B 281 1.55 -10.30 14.05
C ARG B 281 2.89 -10.97 14.34
N GLY B 282 3.32 -10.94 15.59
CA GLY B 282 4.56 -11.58 15.97
C GLY B 282 5.80 -10.72 16.16
N VAL B 283 5.70 -9.40 15.98
CA VAL B 283 6.86 -8.55 16.17
C VAL B 283 7.21 -8.37 17.65
N PRO B 284 8.47 -8.66 18.03
CA PRO B 284 8.85 -8.50 19.44
C PRO B 284 8.76 -7.01 19.80
N VAL B 285 8.17 -6.69 20.94
CA VAL B 285 8.03 -5.28 21.33
C VAL B 285 8.65 -4.90 22.66
N LEU B 286 9.16 -3.67 22.72
CA LEU B 286 9.73 -3.11 23.93
C LEU B 286 8.91 -1.81 24.07
N HIS B 287 7.84 -1.88 24.85
CA HIS B 287 6.95 -0.74 25.03
C HIS B 287 7.39 0.23 26.11
N LEU B 288 8.03 1.33 25.69
CA LEU B 288 8.50 2.31 26.66
C LEU B 288 7.42 3.37 26.94
N ILE B 289 6.41 2.98 27.70
CA ILE B 289 5.31 3.85 28.09
C ILE B 289 5.25 3.71 29.61
N PRO B 290 5.05 4.82 30.33
CA PRO B 290 4.99 4.71 31.79
C PRO B 290 3.71 4.16 32.38
N SER B 291 3.82 3.67 33.62
CA SER B 291 2.67 3.15 34.36
C SER B 291 2.95 3.50 35.82
N PRO B 292 2.16 4.41 36.40
CA PRO B 292 1.02 5.13 35.82
C PRO B 292 1.35 6.13 34.73
N PHE B 293 0.30 6.60 34.05
CA PHE B 293 0.45 7.60 32.99
C PHE B 293 0.83 8.91 33.65
N PRO B 294 1.47 9.84 32.90
CA PRO B 294 1.86 11.13 33.46
C PRO B 294 0.64 11.84 34.04
N GLU B 295 0.81 12.54 35.15
CA GLU B 295 -0.31 13.24 35.77
C GLU B 295 -1.09 14.12 34.82
N VAL B 296 -0.39 14.79 33.90
CA VAL B 296 -1.03 15.69 32.95
C VAL B 296 -1.69 15.01 31.75
N TRP B 297 -1.67 13.67 31.73
CA TRP B 297 -2.24 12.92 30.62
C TRP B 297 -3.58 13.44 30.09
N HIS B 298 -3.62 13.72 28.80
CA HIS B 298 -4.81 14.22 28.14
C HIS B 298 -5.48 15.42 28.79
N THR B 299 -4.67 16.36 29.26
CA THR B 299 -5.19 17.59 29.83
C THR B 299 -4.39 18.68 29.14
N MET B 300 -4.85 19.92 29.24
CA MET B 300 -4.15 21.04 28.62
C MET B 300 -2.81 21.28 29.33
N ASP B 301 -2.59 20.60 30.46
CA ASP B 301 -1.35 20.77 31.19
C ASP B 301 -0.21 19.91 30.67
N ASP B 302 -0.48 19.08 29.66
CA ASP B 302 0.58 18.27 29.09
C ASP B 302 1.28 19.19 28.10
N ASN B 303 2.04 20.14 28.65
CA ASN B 303 2.76 21.14 27.89
C ASN B 303 4.26 21.14 28.23
N GLU B 304 5.00 22.04 27.58
CA GLU B 304 6.43 22.18 27.78
C GLU B 304 6.81 22.49 29.21
N GLU B 305 6.04 23.38 29.83
CA GLU B 305 6.28 23.80 31.20
C GLU B 305 6.30 22.65 32.20
N ASN B 306 5.52 21.60 31.94
CA ASN B 306 5.46 20.47 32.86
C ASN B 306 6.45 19.34 32.52
N LEU B 307 7.30 19.57 31.53
CA LEU B 307 8.31 18.57 31.18
C LEU B 307 9.48 18.71 32.14
N ASP B 308 10.27 17.66 32.26
CA ASP B 308 11.43 17.68 33.15
C ASP B 308 12.69 17.41 32.34
N GLU B 309 13.45 18.48 32.10
CA GLU B 309 14.69 18.44 31.35
C GLU B 309 15.61 17.27 31.69
N SER B 310 15.94 17.13 32.98
CA SER B 310 16.83 16.05 33.42
C SER B 310 16.35 14.66 33.05
N THR B 311 15.12 14.34 33.44
CA THR B 311 14.56 13.04 33.16
C THR B 311 14.77 12.67 31.69
N ILE B 312 14.35 13.58 30.81
CA ILE B 312 14.46 13.37 29.36
C ILE B 312 15.92 13.22 28.93
N ASP B 313 16.79 14.04 29.51
CA ASP B 313 18.22 14.01 29.18
C ASP B 313 18.75 12.65 29.57
N ASN B 314 18.34 12.17 30.74
CA ASN B 314 18.79 10.86 31.20
C ASN B 314 18.30 9.74 30.28
N LEU B 315 17.02 9.79 29.89
CA LEU B 315 16.47 8.77 29.02
C LEU B 315 17.14 8.80 27.66
N ASN B 316 17.47 9.98 27.17
CA ASN B 316 18.15 10.10 25.87
C ASN B 316 19.46 9.29 25.89
N LYS B 317 20.24 9.48 26.94
CA LYS B 317 21.52 8.78 27.09
C LYS B 317 21.30 7.27 27.17
N ILE B 318 20.32 6.86 27.97
CA ILE B 318 20.02 5.45 28.11
C ILE B 318 19.61 4.85 26.77
N LEU B 319 18.73 5.53 26.06
CA LEU B 319 18.25 5.07 24.75
C LEU B 319 19.38 5.01 23.73
N GLN B 320 20.18 6.07 23.69
CA GLN B 320 21.28 6.12 22.76
C GLN B 320 22.26 4.98 23.01
N VAL B 321 22.51 4.64 24.27
CA VAL B 321 23.42 3.54 24.58
C VAL B 321 22.78 2.23 24.11
N PHE B 322 21.51 2.02 24.46
CA PHE B 322 20.80 0.81 24.06
C PHE B 322 20.89 0.60 22.54
N VAL B 323 20.57 1.63 21.77
CA VAL B 323 20.59 1.53 20.32
C VAL B 323 21.98 1.19 19.77
N LEU B 324 23.03 1.80 20.35
CA LEU B 324 24.39 1.53 19.89
C LEU B 324 24.83 0.10 20.22
N GLU B 325 24.46 -0.37 21.41
CA GLU B 325 24.84 -1.72 21.80
C GLU B 325 24.07 -2.75 20.97
N TYR B 326 22.87 -2.38 20.51
CA TYR B 326 22.07 -3.28 19.70
C TYR B 326 22.67 -3.39 18.29
N LEU B 327 23.02 -2.25 17.72
CA LEU B 327 23.59 -2.20 16.38
C LEU B 327 25.08 -2.51 16.34
N HIS B 328 25.68 -2.71 17.52
CA HIS B 328 27.11 -2.99 17.61
C HIS B 328 27.94 -1.85 17.02
N LEU B 329 27.66 -0.63 17.46
CA LEU B 329 28.36 0.56 17.00
C LEU B 329 29.04 1.24 18.18
ZN ZN C . -10.17 -19.18 -15.28
CB BGT D . -13.57 -17.07 -14.88
CG BGT D . -14.82 -16.61 -14.09
CD BGT D . -15.50 -17.72 -13.31
OE1 BGT D . -15.49 -18.89 -13.71
NE2 BGT D . -16.09 -17.36 -12.18
CT BGT D . -12.43 -17.63 -10.43
C1 BGT D . -13.48 -18.76 -10.31
C2 BGT D . -11.03 -18.15 -10.02
C3 BGT D . -12.79 -16.48 -9.48
C BGT D . -12.15 -17.70 -12.86
O BGT D . -11.87 -18.91 -13.00
OXT BGT D . -12.43 -17.03 -11.78
N BGT D . -11.12 -17.34 -15.06
CA BGT D . -12.21 -16.89 -14.16
ZN ZN E . -2.76 10.48 24.14
CB BGT F . -5.31 5.41 25.77
CG BGT F . -4.02 4.60 25.55
CD BGT F . -2.76 5.44 25.41
OE1 BGT F . -2.70 6.59 25.84
NE2 BGT F . -1.72 4.88 24.82
CT BGT F . -7.26 1.29 27.87
C1 BGT F . -8.16 1.68 29.06
C2 BGT F . -5.89 0.84 28.34
C3 BGT F . -7.91 0.14 27.10
C BGT F . -6.60 3.66 27.15
O BGT F . -6.08 4.12 28.20
OXT BGT F . -7.14 2.46 26.92
N BGT F . -7.75 5.58 26.15
CA BGT F . -6.63 4.62 25.95
#